data_9J0B
#
_entry.id   9J0B
#
_cell.length_a   1.00
_cell.length_b   1.00
_cell.length_c   1.00
_cell.angle_alpha   90.00
_cell.angle_beta   90.00
_cell.angle_gamma   90.00
#
_symmetry.space_group_name_H-M   'P 1'
#
loop_
_entity.id
_entity.type
_entity.pdbx_description
1 polymer 'Guanine nucleotide-binding protein G(i) subunit alpha-1'
2 polymer 'Guanine nucleotide-binding protein G(I)/G(S)/G(T) subunit beta-1'
3 polymer 'Guanine nucleotide-binding protein G(I)/G(S)/G(O) subunit gamma-2'
4 polymer 'Soluble cytochrome b562,P2Y purinoceptor 14'
5 polymer ScFv16
6 non-polymer "URIDINE-5'-DIPHOSPHATE-GLUCOSE"
#
loop_
_entity_poly.entity_id
_entity_poly.type
_entity_poly.pdbx_seq_one_letter_code
_entity_poly.pdbx_strand_id
1 'polypeptide(L)'
;MGCTLSAEDKAAVERSKMIDRNLREDGEKAAREVKLLLLGAGESGKSTIVKQMKIIHEAGYSEEECKQYKAVVYSNTIQS
IIAIIRAMGRLKIDFGDSARADDARQLFVLAGAAEEGFMTAELAGVIKRLWKDSGVQACFNRSREYQLNDSAAYYLNDLD
RIAQPNYIPTQQDVLRTRVKTTGIVETHFTFKDLHFKMFDVGGQRSERKKWIHCFEGVTAIIFCVALSDYDLVLAEDEEM
NRMHESMKLFDSICNNKWFTDTSIILFLNKKDLFEEKIKKSPLTICYPEYAGSNTYEEAAAYIQCQFEDLNKRKDTKEIY
THFTCATDTKNVQFVFDAVTDVIIKNNLKDCGLF
;
A
2 'polypeptide(L)'
;MHHHHHHGSLLQSELDQLRQEAEQLKNQIRDARKACADATLSQITNNIDPVGRIQMRTRRTLRGHLAKIYAMHWGTDSRL
LVSASQDGKLIIWDSYTTNKVHAIPLRSSWVMTCAYAPSGNYVACGGLDNICSIYNLKTREGNVRVSRELAGHTGYLSCC
RFLDDNQIVTSSGDTTCALWDIETGQQTTTFTGHTGDVMSLSLAPDTRLFVSGACDASAKLWDVREGMCRQTFTGHESDI
NAICFFPNGNAFATGSDDATCRLFDLRADQELMTYSHDNIICGITSVSFSKSGRLLLAGYDDFNCNVWDALKADRAGVLA
GHDNRVSCLGVTDDGMAVATGSWDSFLKIWNGSSGGGGSGGGGSSGVSGWRLFKKIS
;
B
3 'polypeptide(L)' MASNNTASIAQARKLVEQLKMEANIDRIKVSKAAADLMAYCEAHAKEDPLLTPVPASENPFREKKFFCAIL G
4 'polypeptide(L)'
;MKTIIALSYIFCLVFADYKDDDDAGRAHHHHHHHHHHENLYFQSGAPADLEDNWETLNDNLKVIEKADNAAQVKDALTKM
RAAALDAQKATPPKLEDKSPDSPEMKDFRHGFDILVGQIDDALKLANEGKVKEAQAAAEQLKTTRNAYIQKYLEFLEVLF
QGPAINSTSTQPPDESCSQNLLITQQIIPVLYCMVFIAGILLNGVSGWIFFYVPSSKSFIIYLKNIVIADFVMSLTFPFK
ILGDSGLGPWQLNVFVCRVSAVLFYVNMYVSIVFFGLISFDRYYKIVKPLWTSFIQSVSYSKLLSVIVWMLMLLLAVPNI
ILTNQSVREVTQIKCIELKSELGRKWHKASNYIFVAIFWIVFLLLIVFYTAITKKIFKSHLKSSRNSTSVKKKSSRNIFS
IVFVFFVCFVPYHIARIPYTKSQTEAHYSCQSKEILRYMKEFTLLLSAANVCLDPIIYFFLCQPFREILCKKLHIPLKAQ
NDLDISRIKRGNTTLESTDTL
;
R
5 'polypeptide(L)'
;MLLVNQSHQGFNKEHTSKMVSAIVLYVLLAAAAHSAFADVQLVESGGGLVQPGGSRKLSCSASGFAFSSFGMHWVRQAPE
KGLEWVAYISSGSGTIYYADTVKGRFTISRDDPKNTLFLQMTSLRSEDTAMYYCVRSIYYYGSSPFDFWGQGTTLTVSSG
GGGSGGGGSGGGGSDIVMTQATSSVPVTPGESVSISCRSSKSLLHSNGNTYLYWFLQRPGQSPQLLIYRMSNLASGVPDR
FSGSGSGTAFTLTISRLEAEDVGVYYCMQHLEYPLTFGAGTKLELKAAAHHHHHHHH
;
S
#
# COMPACT_ATOMS: atom_id res chain seq x y z
N CYS A 3 22.28 -16.66 2.86
CA CYS A 3 21.49 -16.81 4.09
C CYS A 3 20.03 -17.06 3.77
N THR A 4 19.69 -18.34 3.57
CA THR A 4 18.35 -18.85 3.30
C THR A 4 17.84 -18.42 1.92
N LEU A 5 18.53 -17.52 1.24
CA LEU A 5 18.11 -17.00 -0.06
C LEU A 5 19.14 -17.35 -1.11
N SER A 6 18.65 -17.75 -2.28
CA SER A 6 19.52 -18.08 -3.40
C SER A 6 19.92 -16.81 -4.15
N ALA A 7 20.73 -16.97 -5.20
CA ALA A 7 21.15 -15.83 -5.99
C ALA A 7 19.97 -15.17 -6.70
N GLU A 8 19.11 -15.99 -7.32
CA GLU A 8 17.92 -15.45 -7.96
C GLU A 8 16.96 -14.86 -6.93
N ASP A 9 16.81 -15.51 -5.78
CA ASP A 9 15.95 -14.97 -4.73
C ASP A 9 16.48 -13.63 -4.22
N LYS A 10 17.79 -13.54 -4.01
CA LYS A 10 18.38 -12.28 -3.54
C LYS A 10 18.23 -11.18 -4.59
N ALA A 11 18.41 -11.52 -5.87
CA ALA A 11 18.25 -10.52 -6.93
C ALA A 11 16.80 -10.08 -7.05
N ALA A 12 15.85 -11.00 -6.84
CA ALA A 12 14.43 -10.64 -6.83
C ALA A 12 14.12 -9.73 -5.64
N VAL A 13 14.73 -10.00 -4.49
CA VAL A 13 14.57 -9.11 -3.34
C VAL A 13 15.12 -7.73 -3.65
N GLU A 14 16.26 -7.67 -4.33
CA GLU A 14 16.82 -6.38 -4.75
C GLU A 14 15.89 -5.65 -5.71
N ARG A 15 15.29 -6.38 -6.64
CA ARG A 15 14.32 -5.77 -7.55
C ARG A 15 13.11 -5.24 -6.79
N SER A 16 12.64 -6.00 -5.80
CA SER A 16 11.53 -5.54 -4.97
C SER A 16 11.91 -4.28 -4.20
N LYS A 17 13.14 -4.21 -3.71
CA LYS A 17 13.59 -3.01 -3.01
C LYS A 17 13.66 -1.81 -3.95
N MET A 18 14.11 -2.02 -5.18
CA MET A 18 14.12 -0.95 -6.17
C MET A 18 12.70 -0.48 -6.48
N ILE A 19 11.77 -1.41 -6.59
CA ILE A 19 10.38 -1.05 -6.82
C ILE A 19 9.82 -0.29 -5.62
N ASP A 20 10.22 -0.69 -4.41
CA ASP A 20 9.81 0.03 -3.21
C ASP A 20 10.32 1.47 -3.24
N ARG A 21 11.58 1.66 -3.62
CA ARG A 21 12.13 3.01 -3.71
C ARG A 21 11.39 3.85 -4.75
N ASN A 22 11.11 3.26 -5.91
CA ASN A 22 10.39 3.98 -6.95
C ASN A 22 8.99 4.36 -6.49
N LEU A 23 8.30 3.43 -5.82
CA LEU A 23 6.95 3.71 -5.33
C LEU A 23 6.97 4.77 -4.24
N ARG A 24 7.97 4.74 -3.36
CA ARG A 24 8.09 5.78 -2.35
C ARG A 24 8.32 7.15 -2.97
N GLU A 25 9.17 7.21 -4.01
CA GLU A 25 9.39 8.47 -4.71
C GLU A 25 8.10 8.96 -5.37
N ASP A 26 7.36 8.05 -6.01
CA ASP A 26 6.11 8.44 -6.65
C ASP A 26 5.09 8.94 -5.63
N GLY A 27 5.01 8.27 -4.47
CA GLY A 27 4.09 8.71 -3.44
C GLY A 27 4.47 10.05 -2.85
N GLU A 28 5.78 10.28 -2.67
CA GLU A 28 6.24 11.59 -2.20
C GLU A 28 5.90 12.67 -3.21
N LYS A 29 6.07 12.38 -4.50
CA LYS A 29 5.74 13.36 -5.52
C LYS A 29 4.23 13.64 -5.55
N ALA A 30 3.42 12.60 -5.40
CA ALA A 30 1.96 12.78 -5.46
C ALA A 30 1.40 13.39 -4.18
N ALA A 31 2.12 13.30 -3.07
CA ALA A 31 1.62 13.83 -1.81
C ALA A 31 1.50 15.35 -1.84
N ARG A 32 2.45 16.04 -2.47
CA ARG A 32 2.44 17.50 -2.53
C ARG A 32 1.50 18.04 -3.59
N GLU A 33 0.92 17.18 -4.43
CA GLU A 33 -0.03 17.63 -5.43
C GLU A 33 -1.37 17.96 -4.79
N VAL A 34 -2.02 19.00 -5.31
CA VAL A 34 -3.30 19.46 -4.79
C VAL A 34 -4.41 18.74 -5.55
N LYS A 35 -5.14 17.87 -4.86
CA LYS A 35 -6.22 17.11 -5.46
C LYS A 35 -7.53 17.91 -5.37
N LEU A 36 -8.16 18.13 -6.52
CA LEU A 36 -9.38 18.92 -6.60
C LEU A 36 -10.47 18.09 -7.27
N LEU A 37 -11.67 18.16 -6.72
CA LEU A 37 -12.83 17.45 -7.27
C LEU A 37 -13.80 18.50 -7.81
N LEU A 38 -14.03 18.51 -9.11
CA LEU A 38 -14.91 19.47 -9.75
C LEU A 38 -16.32 18.89 -9.80
N LEU A 39 -17.28 19.61 -9.23
CA LEU A 39 -18.66 19.15 -9.16
C LEU A 39 -19.60 20.27 -9.58
N GLY A 40 -20.77 19.86 -10.07
CA GLY A 40 -21.77 20.82 -10.50
C GLY A 40 -23.01 20.08 -10.97
N ALA A 41 -24.07 20.84 -11.18
CA ALA A 41 -25.36 20.28 -11.59
C ALA A 41 -25.48 20.09 -13.10
N GLY A 42 -24.46 20.46 -13.87
CA GLY A 42 -24.55 20.37 -15.31
C GLY A 42 -23.60 21.31 -16.04
N GLU A 43 -24.15 22.13 -16.94
CA GLU A 43 -23.38 23.10 -17.69
C GLU A 43 -23.22 24.42 -16.95
N SER A 44 -23.22 24.38 -15.62
CA SER A 44 -23.18 25.59 -14.80
C SER A 44 -21.90 26.40 -15.00
N GLY A 45 -20.87 25.81 -15.61
CA GLY A 45 -19.63 26.53 -15.81
C GLY A 45 -18.39 25.72 -15.47
N LYS A 46 -18.56 24.41 -15.27
CA LYS A 46 -17.41 23.56 -15.01
C LYS A 46 -16.44 23.57 -16.19
N SER A 47 -16.96 23.52 -17.41
CA SER A 47 -16.10 23.64 -18.59
C SER A 47 -15.43 25.01 -18.64
N THR A 48 -16.17 26.06 -18.30
CA THR A 48 -15.59 27.40 -18.27
C THR A 48 -14.48 27.50 -17.23
N ILE A 49 -14.69 26.90 -16.05
CA ILE A 49 -13.66 26.91 -15.03
C ILE A 49 -12.43 26.13 -15.49
N VAL A 50 -12.64 24.97 -16.11
CA VAL A 50 -11.52 24.17 -16.59
C VAL A 50 -10.76 24.88 -17.69
N LYS A 51 -11.45 25.64 -18.53
CA LYS A 51 -10.78 26.34 -19.64
C LYS A 51 -9.76 27.35 -19.13
N GLN A 52 -10.11 28.09 -18.08
CA GLN A 52 -9.21 29.09 -17.51
C GLN A 52 -8.33 28.53 -16.41
N MET A 53 -8.42 27.25 -16.11
CA MET A 53 -7.58 26.63 -15.09
C MET A 53 -6.99 25.31 -15.57
N THR A 182 -12.98 10.43 -20.69
CA THR A 182 -14.25 9.73 -20.74
C THR A 182 -15.11 10.07 -19.52
N GLY A 183 -15.31 9.10 -18.63
CA GLY A 183 -16.11 9.34 -17.45
C GLY A 183 -15.46 10.34 -16.50
N ILE A 184 -14.15 10.23 -16.30
CA ILE A 184 -13.39 11.13 -15.44
C ILE A 184 -12.41 11.90 -16.31
N VAL A 185 -12.35 13.21 -16.11
CA VAL A 185 -11.47 14.09 -16.87
C VAL A 185 -10.45 14.67 -15.90
N GLU A 186 -9.17 14.39 -16.14
CA GLU A 186 -8.10 14.87 -15.29
C GLU A 186 -7.38 16.03 -15.97
N THR A 187 -7.28 17.16 -15.26
CA THR A 187 -6.59 18.35 -15.74
C THR A 187 -5.50 18.70 -14.74
N HIS A 188 -4.24 18.66 -15.19
CA HIS A 188 -3.10 18.96 -14.35
C HIS A 188 -2.49 20.29 -14.78
N PHE A 189 -2.32 21.21 -13.84
CA PHE A 189 -1.75 22.51 -14.14
C PHE A 189 -0.96 23.03 -12.96
N THR A 190 0.11 23.77 -13.25
CA THR A 190 1.00 24.30 -12.23
C THR A 190 0.75 25.79 -12.05
N PHE A 191 0.56 26.21 -10.80
CA PHE A 191 0.37 27.62 -10.46
C PHE A 191 1.11 27.93 -9.17
N LYS A 192 2.01 28.90 -9.22
CA LYS A 192 2.77 29.36 -8.07
C LYS A 192 3.40 28.19 -7.32
N ASP A 193 4.08 27.33 -8.07
CA ASP A 193 4.82 26.17 -7.54
C ASP A 193 3.91 25.16 -6.85
N LEU A 194 2.63 25.11 -7.20
CA LEU A 194 1.74 24.05 -6.76
C LEU A 194 1.12 23.38 -7.98
N HIS A 195 1.15 22.04 -7.99
CA HIS A 195 0.61 21.26 -9.10
C HIS A 195 -0.78 20.78 -8.72
N PHE A 196 -1.79 21.34 -9.37
CA PHE A 196 -3.19 21.00 -9.12
C PHE A 196 -3.64 19.94 -10.12
N LYS A 197 -4.24 18.88 -9.61
CA LYS A 197 -4.89 17.86 -10.42
C LYS A 197 -6.40 17.95 -10.15
N MET A 198 -7.15 18.45 -11.11
CA MET A 198 -8.59 18.62 -11.00
C MET A 198 -9.29 17.49 -11.74
N PHE A 199 -10.16 16.78 -11.06
CA PHE A 199 -10.88 15.64 -11.61
C PHE A 199 -12.35 16.02 -11.78
N ASP A 200 -12.83 15.95 -13.01
CA ASP A 200 -14.21 16.25 -13.34
C ASP A 200 -14.97 14.95 -13.57
N VAL A 201 -16.09 14.79 -12.86
CA VAL A 201 -16.90 13.58 -12.92
C VAL A 201 -18.15 13.78 -13.75
N GLY A 202 -18.22 14.87 -14.52
CA GLY A 202 -19.38 15.10 -15.36
C GLY A 202 -19.52 14.04 -16.43
N GLY A 203 -20.77 13.72 -16.75
CA GLY A 203 -21.07 12.67 -17.71
C GLY A 203 -20.99 11.26 -17.18
N GLN A 204 -20.73 11.09 -15.88
CA GLN A 204 -20.67 9.74 -15.31
C GLN A 204 -22.02 9.05 -15.41
N ARG A 205 -23.10 9.77 -15.07
CA ARG A 205 -24.49 9.35 -15.25
C ARG A 205 -24.84 8.07 -14.49
N SER A 206 -24.02 7.66 -13.53
CA SER A 206 -24.28 6.47 -12.73
C SER A 206 -24.54 6.87 -11.28
N GLU A 207 -24.67 5.87 -10.41
CA GLU A 207 -24.90 6.11 -8.99
C GLU A 207 -23.72 6.84 -8.39
N ARG A 208 -23.93 8.09 -7.96
CA ARG A 208 -22.85 8.89 -7.42
C ARG A 208 -22.32 8.32 -6.10
N LYS A 209 -23.19 7.71 -5.31
CA LYS A 209 -22.78 7.18 -4.01
C LYS A 209 -21.80 6.02 -4.12
N LYS A 210 -21.67 5.43 -5.31
CA LYS A 210 -20.83 4.25 -5.48
C LYS A 210 -19.37 4.60 -5.79
N TRP A 211 -19.05 5.87 -6.02
CA TRP A 211 -17.68 6.25 -6.31
C TRP A 211 -17.23 7.54 -5.65
N ILE A 212 -18.06 8.18 -4.82
CA ILE A 212 -17.62 9.37 -4.11
C ILE A 212 -16.55 9.03 -3.09
N HIS A 213 -16.60 7.82 -2.52
CA HIS A 213 -15.58 7.41 -1.55
C HIS A 213 -14.20 7.35 -2.16
N CYS A 214 -14.10 7.27 -3.49
CA CYS A 214 -12.80 7.31 -4.14
C CYS A 214 -12.14 8.67 -3.99
N PHE A 215 -12.94 9.73 -3.82
CA PHE A 215 -12.44 11.08 -3.69
C PHE A 215 -12.39 11.55 -2.23
N GLU A 216 -12.29 10.61 -1.29
CA GLU A 216 -12.24 10.97 0.12
C GLU A 216 -11.01 11.80 0.44
N GLY A 217 -9.86 11.44 -0.13
CA GLY A 217 -8.62 12.14 0.10
C GLY A 217 -8.39 13.36 -0.76
N VAL A 218 -9.39 13.77 -1.54
CA VAL A 218 -9.24 14.94 -2.39
C VAL A 218 -9.08 16.18 -1.53
N THR A 219 -8.09 17.02 -1.88
CA THR A 219 -7.76 18.17 -1.04
C THR A 219 -8.91 19.15 -0.96
N ALA A 220 -9.54 19.48 -2.09
CA ALA A 220 -10.62 20.46 -2.07
C ALA A 220 -11.63 20.14 -3.16
N ILE A 221 -12.85 20.61 -2.96
CA ILE A 221 -13.95 20.37 -3.91
C ILE A 221 -14.37 21.72 -4.48
N ILE A 222 -14.22 21.88 -5.79
CA ILE A 222 -14.72 23.06 -6.50
C ILE A 222 -16.15 22.76 -6.93
N PHE A 223 -17.12 23.38 -6.26
CA PHE A 223 -18.53 23.24 -6.60
C PHE A 223 -18.96 24.46 -7.40
N CYS A 224 -19.36 24.25 -8.65
CA CYS A 224 -19.74 25.34 -9.55
C CYS A 224 -21.25 25.42 -9.65
N VAL A 225 -21.79 26.62 -9.50
CA VAL A 225 -23.22 26.87 -9.57
C VAL A 225 -23.47 28.01 -10.54
N ALA A 226 -24.39 27.80 -11.48
CA ALA A 226 -24.77 28.84 -12.44
C ALA A 226 -25.75 29.78 -11.76
N LEU A 227 -25.33 31.03 -11.53
CA LEU A 227 -26.22 32.02 -10.95
C LEU A 227 -27.41 32.28 -11.84
N SER A 228 -27.19 32.43 -13.15
CA SER A 228 -28.27 32.68 -14.09
C SER A 228 -29.27 31.54 -14.16
N ASP A 229 -28.91 30.36 -13.66
CA ASP A 229 -29.84 29.24 -13.59
C ASP A 229 -30.83 29.37 -12.44
N TYR A 230 -30.81 30.48 -11.70
CA TYR A 230 -31.76 30.66 -10.61
C TYR A 230 -33.19 30.71 -11.12
N ASP A 231 -33.41 31.36 -12.26
CA ASP A 231 -34.75 31.52 -12.83
C ASP A 231 -35.12 30.42 -13.82
N LEU A 232 -34.23 29.45 -14.05
CA LEU A 232 -34.48 28.38 -15.00
C LEU A 232 -34.96 27.13 -14.29
N VAL A 233 -35.56 26.22 -15.06
CA VAL A 233 -36.08 24.95 -14.55
C VAL A 233 -35.62 23.84 -15.47
N LEU A 234 -35.66 22.62 -14.95
CA LEU A 234 -35.25 21.44 -15.71
C LEU A 234 -36.25 21.14 -16.82
N MET A 240 -39.29 21.61 -11.17
CA MET A 240 -38.20 21.79 -10.22
C MET A 240 -37.18 22.79 -10.74
N ASN A 241 -36.83 23.77 -9.90
CA ASN A 241 -35.87 24.79 -10.29
C ASN A 241 -34.47 24.19 -10.44
N ARG A 242 -33.72 24.70 -11.41
CA ARG A 242 -32.35 24.25 -11.60
C ARG A 242 -31.49 24.59 -10.39
N MET A 243 -31.67 25.78 -9.83
CA MET A 243 -30.93 26.14 -8.62
C MET A 243 -31.33 25.27 -7.44
N HIS A 244 -32.59 24.82 -7.39
CA HIS A 244 -33.00 23.88 -6.35
C HIS A 244 -32.24 22.57 -6.46
N GLU A 245 -32.10 22.05 -7.69
CA GLU A 245 -31.33 20.83 -7.88
C GLU A 245 -29.87 21.03 -7.54
N SER A 246 -29.32 22.20 -7.90
CA SER A 246 -27.93 22.50 -7.55
C SER A 246 -27.74 22.55 -6.04
N MET A 247 -28.70 23.16 -5.32
CA MET A 247 -28.62 23.21 -3.86
C MET A 247 -28.75 21.82 -3.25
N LYS A 248 -29.61 20.97 -3.83
CA LYS A 248 -29.74 19.61 -3.33
C LYS A 248 -28.44 18.83 -3.53
N LEU A 249 -27.80 18.99 -4.70
CA LEU A 249 -26.53 18.32 -4.94
C LEU A 249 -25.45 18.84 -4.00
N PHE A 250 -25.43 20.15 -3.75
CA PHE A 250 -24.47 20.73 -2.82
C PHE A 250 -24.68 20.19 -1.42
N ASP A 251 -25.93 20.08 -0.98
CA ASP A 251 -26.23 19.52 0.34
C ASP A 251 -25.80 18.07 0.42
N SER A 252 -26.06 17.28 -0.62
CA SER A 252 -25.66 15.88 -0.61
C SER A 252 -24.14 15.73 -0.56
N ILE A 253 -23.42 16.53 -1.34
CA ILE A 253 -21.97 16.41 -1.39
C ILE A 253 -21.33 16.89 -0.10
N CYS A 254 -21.79 18.04 0.40
CA CYS A 254 -21.15 18.66 1.57
C CYS A 254 -21.39 17.85 2.84
N ASN A 255 -22.59 17.29 2.99
CA ASN A 255 -23.00 16.67 4.25
C ASN A 255 -22.87 15.16 4.25
N ASN A 256 -22.21 14.57 3.26
CA ASN A 256 -22.01 13.12 3.29
C ASN A 256 -20.78 12.78 4.12
N LYS A 257 -20.65 11.50 4.45
CA LYS A 257 -19.61 11.06 5.38
C LYS A 257 -18.21 11.22 4.80
N TRP A 258 -18.06 11.07 3.48
CA TRP A 258 -16.72 11.09 2.90
C TRP A 258 -16.12 12.49 2.88
N PHE A 259 -16.95 13.53 2.89
CA PHE A 259 -16.48 14.91 2.89
C PHE A 259 -16.90 15.63 4.17
N THR A 260 -16.75 14.94 5.31
CA THR A 260 -17.09 15.55 6.59
C THR A 260 -16.16 16.69 6.96
N ASP A 261 -14.95 16.73 6.39
CA ASP A 261 -13.99 17.78 6.68
C ASP A 261 -13.35 18.37 5.42
N THR A 262 -13.62 17.82 4.25
CA THR A 262 -13.02 18.35 3.02
C THR A 262 -13.61 19.72 2.71
N SER A 263 -12.73 20.69 2.44
CA SER A 263 -13.17 22.04 2.14
C SER A 263 -13.82 22.10 0.76
N ILE A 264 -14.89 22.87 0.67
CA ILE A 264 -15.66 23.02 -0.57
C ILE A 264 -15.59 24.48 -0.97
N ILE A 265 -14.73 24.80 -1.93
CA ILE A 265 -14.70 26.12 -2.53
C ILE A 265 -15.82 26.22 -3.56
N LEU A 266 -16.64 27.25 -3.44
CA LEU A 266 -17.85 27.40 -4.23
C LEU A 266 -17.69 28.54 -5.21
N PHE A 267 -17.97 28.26 -6.49
CA PHE A 267 -17.91 29.25 -7.55
C PHE A 267 -19.33 29.56 -8.01
N LEU A 268 -19.64 30.84 -8.15
CA LEU A 268 -20.94 31.31 -8.64
C LEU A 268 -20.71 31.89 -10.04
N ASN A 269 -20.80 31.04 -11.05
CA ASN A 269 -20.49 31.46 -12.41
C ASN A 269 -21.65 32.26 -13.01
N LYS A 270 -21.39 32.85 -14.17
CA LYS A 270 -22.37 33.65 -14.91
C LYS A 270 -22.92 34.77 -14.05
N LYS A 271 -22.03 35.46 -13.33
CA LYS A 271 -22.46 36.60 -12.52
C LYS A 271 -22.96 37.76 -13.39
N ASP A 272 -22.35 37.96 -14.55
CA ASP A 272 -22.81 39.01 -15.46
C ASP A 272 -24.22 38.71 -15.96
N LEU A 273 -24.48 37.46 -16.37
CA LEU A 273 -25.81 37.08 -16.79
C LEU A 273 -26.81 37.20 -15.65
N PHE A 274 -26.40 36.83 -14.44
CA PHE A 274 -27.28 36.95 -13.28
C PHE A 274 -27.64 38.41 -13.02
N GLU A 275 -26.65 39.30 -13.11
CA GLU A 275 -26.94 40.73 -12.94
C GLU A 275 -27.84 41.25 -14.06
N GLU A 276 -27.65 40.76 -15.28
CA GLU A 276 -28.47 41.20 -16.40
C GLU A 276 -29.92 40.78 -16.23
N LYS A 277 -30.15 39.53 -15.80
CA LYS A 277 -31.51 38.99 -15.73
C LYS A 277 -32.12 39.09 -14.33
N ILE A 278 -31.43 39.71 -13.38
CA ILE A 278 -32.00 39.85 -12.05
C ILE A 278 -32.97 41.03 -11.95
N LYS A 279 -32.82 42.03 -12.83
CA LYS A 279 -33.75 43.15 -12.84
C LYS A 279 -35.09 42.79 -13.47
N LYS A 280 -35.08 41.87 -14.44
CA LYS A 280 -36.30 41.45 -15.11
C LYS A 280 -36.93 40.21 -14.50
N SER A 281 -36.12 39.29 -13.95
CA SER A 281 -36.62 38.08 -13.31
C SER A 281 -36.30 38.13 -11.83
N PRO A 282 -37.28 38.42 -10.97
CA PRO A 282 -36.99 38.51 -9.53
C PRO A 282 -36.57 37.15 -8.96
N LEU A 283 -35.75 37.22 -7.91
CA LEU A 283 -35.29 36.02 -7.22
C LEU A 283 -36.43 35.28 -6.51
N THR A 284 -37.59 35.93 -6.34
CA THR A 284 -38.71 35.28 -5.67
C THR A 284 -39.19 34.03 -6.38
N ILE A 285 -38.88 33.90 -7.69
CA ILE A 285 -39.25 32.69 -8.41
C ILE A 285 -38.51 31.48 -7.84
N CYS A 286 -37.22 31.64 -7.56
CA CYS A 286 -36.42 30.56 -6.99
C CYS A 286 -36.49 30.55 -5.46
N TYR A 287 -36.42 31.71 -4.82
CA TYR A 287 -36.45 31.85 -3.37
C TYR A 287 -37.66 32.69 -2.98
N PRO A 288 -38.81 32.07 -2.70
CA PRO A 288 -39.99 32.85 -2.31
C PRO A 288 -39.81 33.63 -1.01
N GLU A 289 -38.86 33.24 -0.16
CA GLU A 289 -38.62 33.90 1.11
C GLU A 289 -37.71 35.11 0.98
N TYR A 290 -37.23 35.42 -0.22
CA TYR A 290 -36.34 36.57 -0.42
C TYR A 290 -37.12 37.86 -0.24
N ALA A 291 -36.85 38.56 0.86
CA ALA A 291 -37.53 39.82 1.17
C ALA A 291 -36.75 41.04 0.68
N GLY A 292 -35.59 40.84 0.04
CA GLY A 292 -34.79 41.95 -0.43
C GLY A 292 -35.26 42.50 -1.76
N SER A 293 -34.55 43.51 -2.23
CA SER A 293 -34.86 44.17 -3.48
C SER A 293 -34.14 43.48 -4.65
N ASN A 294 -34.47 43.92 -5.86
CA ASN A 294 -33.88 43.37 -7.08
C ASN A 294 -32.55 44.07 -7.36
N THR A 295 -31.59 43.83 -6.48
CA THR A 295 -30.24 44.36 -6.61
C THR A 295 -29.26 43.21 -6.73
N TYR A 296 -28.24 43.38 -7.56
CA TYR A 296 -27.27 42.31 -7.80
C TYR A 296 -26.53 41.94 -6.51
N GLU A 297 -26.09 42.94 -5.76
CA GLU A 297 -25.31 42.67 -4.55
C GLU A 297 -26.14 41.92 -3.51
N GLU A 298 -27.35 42.41 -3.24
CA GLU A 298 -28.19 41.77 -2.23
C GLU A 298 -28.58 40.35 -2.65
N ALA A 299 -28.96 40.17 -3.92
CA ALA A 299 -29.34 38.84 -4.38
C ALA A 299 -28.17 37.88 -4.34
N ALA A 300 -26.98 38.33 -4.76
CA ALA A 300 -25.80 37.48 -4.72
C ALA A 300 -25.45 37.10 -3.28
N ALA A 301 -25.52 38.06 -2.37
CA ALA A 301 -25.24 37.77 -0.96
C ALA A 301 -26.25 36.78 -0.41
N TYR A 302 -27.53 36.95 -0.73
CA TYR A 302 -28.55 36.02 -0.25
C TYR A 302 -28.33 34.62 -0.80
N ILE A 303 -27.98 34.50 -2.08
CA ILE A 303 -27.75 33.19 -2.67
C ILE A 303 -26.53 32.53 -2.05
N GLN A 304 -25.46 33.30 -1.84
CA GLN A 304 -24.26 32.75 -1.20
C GLN A 304 -24.57 32.30 0.23
N CYS A 305 -25.34 33.09 0.97
CA CYS A 305 -25.70 32.71 2.33
C CYS A 305 -26.56 31.46 2.34
N GLN A 306 -27.50 31.34 1.40
CA GLN A 306 -28.34 30.15 1.32
C GLN A 306 -27.50 28.91 1.00
N PHE A 307 -26.53 29.04 0.09
CA PHE A 307 -25.66 27.91 -0.22
C PHE A 307 -24.78 27.53 0.97
N GLU A 308 -24.28 28.53 1.71
CA GLU A 308 -23.41 28.24 2.84
C GLU A 308 -24.18 27.69 4.02
N ASP A 309 -25.47 28.00 4.13
CA ASP A 309 -26.28 27.51 5.24
C ASP A 309 -26.55 26.02 5.15
N LEU A 310 -26.33 25.41 3.98
CA LEU A 310 -26.49 23.96 3.85
C LEU A 310 -25.38 23.19 4.55
N ASN A 311 -24.34 23.85 5.02
CA ASN A 311 -23.25 23.19 5.73
C ASN A 311 -23.66 22.92 7.16
N LYS A 312 -23.66 21.64 7.55
CA LYS A 312 -23.98 21.23 8.92
C LYS A 312 -22.74 21.01 9.76
N ARG A 313 -21.56 21.30 9.22
CA ARG A 313 -20.28 21.11 9.90
C ARG A 313 -19.42 22.35 9.75
N LYS A 314 -20.01 23.52 10.04
CA LYS A 314 -19.30 24.78 9.87
C LYS A 314 -18.09 24.89 10.79
N ASP A 315 -18.06 24.13 11.88
CA ASP A 315 -16.92 24.19 12.79
C ASP A 315 -15.67 23.56 12.18
N THR A 316 -15.82 22.52 11.38
CA THR A 316 -14.69 21.79 10.81
C THR A 316 -14.48 22.05 9.32
N LYS A 317 -15.52 22.40 8.58
CA LYS A 317 -15.43 22.60 7.14
C LYS A 317 -15.64 24.06 6.80
N GLU A 318 -14.80 24.59 5.92
CA GLU A 318 -14.89 25.97 5.46
C GLU A 318 -15.31 26.01 4.00
N ILE A 319 -16.26 26.87 3.68
CA ILE A 319 -16.76 27.04 2.32
C ILE A 319 -16.26 28.37 1.79
N TYR A 320 -15.49 28.32 0.70
CA TYR A 320 -14.97 29.51 0.06
C TYR A 320 -15.85 29.86 -1.13
N THR A 321 -16.40 31.08 -1.12
CA THR A 321 -17.33 31.52 -2.16
C THR A 321 -16.65 32.57 -3.03
N HIS A 322 -16.72 32.37 -4.34
CA HIS A 322 -16.16 33.29 -5.31
C HIS A 322 -17.15 33.50 -6.45
N PHE A 323 -17.09 34.67 -7.07
CA PHE A 323 -17.97 35.04 -8.16
C PHE A 323 -17.15 35.27 -9.42
N THR A 324 -17.54 34.63 -10.52
CA THR A 324 -16.85 34.75 -11.79
C THR A 324 -17.88 34.83 -12.92
N CYS A 325 -17.49 35.47 -14.01
CA CYS A 325 -18.37 35.61 -15.17
C CYS A 325 -17.83 34.86 -16.39
N ALA A 326 -16.62 35.20 -16.85
CA ALA A 326 -16.05 34.56 -18.03
C ALA A 326 -14.56 34.87 -18.16
N THR A 327 -13.74 33.82 -18.25
CA THR A 327 -12.30 33.95 -18.48
C THR A 327 -11.65 34.90 -17.48
N ASP A 328 -12.07 34.79 -16.22
CA ASP A 328 -11.50 35.62 -15.17
C ASP A 328 -10.21 35.01 -14.64
N THR A 329 -9.17 35.84 -14.51
CA THR A 329 -7.88 35.37 -14.06
C THR A 329 -7.78 35.27 -12.54
N LYS A 330 -8.77 35.75 -11.80
CA LYS A 330 -8.76 35.69 -10.35
C LYS A 330 -9.27 34.35 -9.80
N ASN A 331 -9.87 33.51 -10.65
CA ASN A 331 -10.36 32.21 -10.20
C ASN A 331 -9.20 31.34 -9.72
N VAL A 332 -8.11 31.30 -10.49
CA VAL A 332 -6.97 30.49 -10.11
C VAL A 332 -6.33 31.03 -8.84
N GLN A 333 -6.30 32.35 -8.67
CA GLN A 333 -5.75 32.93 -7.44
C GLN A 333 -6.61 32.57 -6.22
N PHE A 334 -7.93 32.63 -6.38
CA PHE A 334 -8.82 32.27 -5.28
C PHE A 334 -8.67 30.80 -4.91
N VAL A 335 -8.59 29.94 -5.92
CA VAL A 335 -8.36 28.52 -5.67
C VAL A 335 -7.02 28.30 -4.99
N PHE A 336 -6.00 29.06 -5.43
CA PHE A 336 -4.68 28.96 -4.81
C PHE A 336 -4.72 29.32 -3.34
N ASP A 337 -5.39 30.42 -2.99
CA ASP A 337 -5.49 30.82 -1.59
C ASP A 337 -6.26 29.77 -0.77
N ALA A 338 -7.37 29.28 -1.31
CA ALA A 338 -8.18 28.30 -0.59
C ALA A 338 -7.38 27.03 -0.32
N VAL A 339 -6.71 26.51 -1.36
CA VAL A 339 -5.93 25.29 -1.18
C VAL A 339 -4.70 25.53 -0.34
N THR A 340 -4.15 26.75 -0.31
CA THR A 340 -3.05 27.04 0.60
C THR A 340 -3.52 26.95 2.04
N ASP A 341 -4.69 27.52 2.34
CA ASP A 341 -5.24 27.40 3.68
C ASP A 341 -5.52 25.94 4.03
N VAL A 342 -6.08 25.19 3.09
CA VAL A 342 -6.39 23.78 3.33
C VAL A 342 -5.10 22.99 3.57
N ILE A 343 -4.06 23.27 2.80
CA ILE A 343 -2.80 22.57 2.95
C ILE A 343 -2.16 22.89 4.29
N ILE A 344 -2.24 24.15 4.72
CA ILE A 344 -1.71 24.52 6.04
C ILE A 344 -2.47 23.78 7.14
N LYS A 345 -3.79 23.72 7.03
CA LYS A 345 -4.58 22.99 8.03
C LYS A 345 -4.24 21.50 8.03
N ASN A 346 -4.07 20.91 6.85
CA ASN A 346 -3.72 19.50 6.77
C ASN A 346 -2.33 19.21 7.30
N ASN A 347 -1.38 20.13 7.07
CA ASN A 347 -0.05 19.98 7.65
C ASN A 347 -0.11 20.07 9.17
N LEU A 348 -0.93 20.98 9.69
CA LEU A 348 -1.13 21.04 11.14
C LEU A 348 -1.70 19.74 11.67
N LYS A 349 -2.69 19.18 10.97
CA LYS A 349 -3.29 17.92 11.41
C LYS A 349 -2.29 16.77 11.36
N ASP A 350 -1.48 16.71 10.31
CA ASP A 350 -0.52 15.62 10.13
C ASP A 350 0.68 15.74 11.05
N CYS A 351 0.94 16.92 11.60
CA CYS A 351 2.06 17.12 12.52
C CYS A 351 1.67 16.86 13.97
N GLY A 352 0.45 16.42 14.23
CA GLY A 352 0.00 16.28 15.61
C GLY A 352 -0.11 17.60 16.32
N LEU A 353 -0.59 18.63 15.63
CA LEU A 353 -0.66 19.98 16.17
C LEU A 353 -2.05 20.59 16.11
N PHE A 354 -2.98 20.00 15.38
CA PHE A 354 -4.34 20.52 15.28
C PHE A 354 -5.36 19.45 15.63
N LEU B 15 -49.09 -1.29 -23.17
CA LEU B 15 -48.46 -0.70 -22.00
C LEU B 15 -49.03 -1.31 -20.72
N ASP B 16 -50.29 -1.00 -20.42
CA ASP B 16 -50.93 -1.55 -19.23
C ASP B 16 -51.07 -3.05 -19.33
N GLN B 17 -51.45 -3.56 -20.51
CA GLN B 17 -51.56 -5.01 -20.69
C GLN B 17 -50.21 -5.69 -20.54
N LEU B 18 -49.15 -5.08 -21.09
CA LEU B 18 -47.81 -5.64 -20.95
C LEU B 18 -47.37 -5.63 -19.49
N ARG B 19 -47.67 -4.56 -18.76
CA ARG B 19 -47.34 -4.51 -17.34
C ARG B 19 -48.08 -5.58 -16.56
N GLN B 20 -49.36 -5.79 -16.88
CA GLN B 20 -50.14 -6.84 -16.21
C GLN B 20 -49.56 -8.21 -16.52
N GLU B 21 -49.16 -8.44 -17.77
CA GLU B 21 -48.56 -9.72 -18.14
C GLU B 21 -47.24 -9.94 -17.41
N ALA B 22 -46.43 -8.88 -17.28
CA ALA B 22 -45.17 -9.00 -16.55
C ALA B 22 -45.42 -9.30 -15.08
N GLU B 23 -46.42 -8.65 -14.49
CA GLU B 23 -46.77 -8.93 -13.08
C GLU B 23 -47.24 -10.37 -12.92
N GLN B 24 -48.05 -10.86 -13.87
CA GLN B 24 -48.49 -12.26 -13.82
C GLN B 24 -47.31 -13.21 -13.95
N LEU B 25 -46.36 -12.91 -14.83
CA LEU B 25 -45.18 -13.75 -14.97
C LEU B 25 -44.34 -13.76 -13.70
N LYS B 26 -44.19 -12.59 -13.06
CA LYS B 26 -43.46 -12.53 -11.79
C LYS B 26 -44.17 -13.33 -10.71
N ASN B 27 -45.50 -13.25 -10.66
CA ASN B 27 -46.26 -14.03 -9.69
C ASN B 27 -46.11 -15.52 -9.95
N GLN B 28 -46.10 -15.92 -11.23
CA GLN B 28 -45.87 -17.33 -11.57
C GLN B 28 -44.48 -17.78 -11.14
N ILE B 29 -43.47 -16.92 -11.34
CA ILE B 29 -42.12 -17.25 -10.90
C ILE B 29 -42.08 -17.46 -9.39
N ARG B 30 -42.71 -16.54 -8.65
CA ARG B 30 -42.74 -16.67 -7.19
C ARG B 30 -43.47 -17.93 -6.75
N ASP B 31 -44.59 -18.24 -7.42
CA ASP B 31 -45.34 -19.45 -7.07
C ASP B 31 -44.52 -20.70 -7.34
N ALA B 32 -43.82 -20.75 -8.47
CA ALA B 32 -42.98 -21.91 -8.77
C ALA B 32 -41.84 -22.04 -7.76
N ARG B 33 -41.23 -20.91 -7.38
CA ARG B 33 -40.16 -20.96 -6.39
C ARG B 33 -40.68 -21.45 -5.04
N LYS B 34 -41.87 -20.99 -4.65
CA LYS B 34 -42.46 -21.48 -3.40
C LYS B 34 -42.80 -22.96 -3.47
N ALA B 35 -43.30 -23.41 -4.63
CA ALA B 35 -43.65 -24.82 -4.79
C ALA B 35 -42.43 -25.71 -4.73
N CYS B 36 -41.31 -25.29 -5.32
CA CYS B 36 -40.10 -26.09 -5.31
C CYS B 36 -39.31 -25.96 -4.01
N ALA B 37 -39.76 -25.10 -3.09
CA ALA B 37 -39.09 -24.94 -1.80
C ALA B 37 -39.74 -25.83 -0.76
N ASP B 38 -39.48 -27.13 -0.89
CA ASP B 38 -40.04 -28.10 0.05
C ASP B 38 -39.33 -28.06 1.40
N ALA B 39 -38.05 -27.67 1.43
CA ALA B 39 -37.28 -27.59 2.66
C ALA B 39 -36.36 -26.38 2.58
N THR B 40 -35.50 -26.25 3.59
CA THR B 40 -34.53 -25.17 3.65
C THR B 40 -33.16 -25.73 4.02
N LEU B 41 -32.11 -25.05 3.56
CA LEU B 41 -30.75 -25.51 3.79
C LEU B 41 -30.42 -25.53 5.28
N SER B 42 -30.91 -24.55 6.03
CA SER B 42 -30.61 -24.47 7.45
C SER B 42 -31.14 -25.68 8.21
N GLN B 43 -32.36 -26.11 7.91
CA GLN B 43 -32.93 -27.27 8.57
C GLN B 43 -32.46 -28.59 7.99
N ILE B 44 -31.82 -28.57 6.82
CA ILE B 44 -31.25 -29.77 6.23
C ILE B 44 -29.86 -30.05 6.80
N THR B 45 -29.04 -29.01 6.96
CA THR B 45 -27.69 -29.17 7.50
C THR B 45 -27.64 -29.07 9.02
N ASN B 46 -28.76 -29.36 9.70
CA ASN B 46 -28.77 -29.36 11.15
C ASN B 46 -28.14 -30.62 11.74
N ASN B 47 -27.97 -31.66 10.95
CA ASN B 47 -27.43 -32.93 11.43
C ASN B 47 -25.93 -33.06 11.21
N ILE B 48 -25.27 -32.05 10.66
CA ILE B 48 -23.84 -32.08 10.43
C ILE B 48 -23.14 -31.29 11.52
N ASP B 49 -21.95 -31.75 11.91
CA ASP B 49 -21.21 -31.11 12.98
C ASP B 49 -20.74 -29.72 12.54
N PRO B 50 -20.75 -28.74 13.43
CA PRO B 50 -20.24 -27.42 13.08
C PRO B 50 -18.74 -27.44 12.86
N VAL B 51 -18.26 -26.47 12.06
CA VAL B 51 -16.84 -26.37 11.75
C VAL B 51 -16.01 -25.92 12.94
N GLY B 52 -16.66 -25.46 14.01
CA GLY B 52 -15.93 -25.00 15.18
C GLY B 52 -15.56 -23.53 15.08
N ARG B 53 -14.42 -23.16 15.66
CA ARG B 53 -13.93 -21.79 15.63
C ARG B 53 -12.74 -21.73 14.67
N ILE B 54 -12.90 -20.95 13.61
CA ILE B 54 -11.82 -20.77 12.63
C ILE B 54 -10.88 -19.68 13.14
N GLN B 55 -9.62 -20.05 13.37
CA GLN B 55 -8.61 -19.15 13.89
C GLN B 55 -7.55 -18.96 12.81
N MET B 56 -7.76 -17.95 11.97
CA MET B 56 -6.82 -17.60 10.91
C MET B 56 -5.92 -16.47 11.41
N ARG B 57 -4.61 -16.74 11.43
CA ARG B 57 -3.62 -15.73 11.82
C ARG B 57 -2.93 -15.21 10.56
N THR B 58 -2.80 -13.89 10.47
CA THR B 58 -2.18 -13.27 9.30
C THR B 58 -0.73 -13.74 9.16
N ARG B 59 -0.45 -14.38 8.02
CA ARG B 59 0.88 -14.92 7.79
C ARG B 59 1.77 -13.98 6.99
N ARG B 60 1.19 -13.21 6.07
CA ARG B 60 1.95 -12.27 5.26
C ARG B 60 1.28 -10.90 5.32
N THR B 61 2.09 -9.84 5.28
CA THR B 61 1.57 -8.48 5.29
C THR B 61 2.31 -7.70 4.21
N LEU B 62 1.60 -7.38 3.12
CA LEU B 62 2.17 -6.70 1.96
C LEU B 62 1.98 -5.19 2.10
N ARG B 63 3.09 -4.46 2.02
CA ARG B 63 3.14 -3.01 2.19
C ARG B 63 3.79 -2.37 0.98
N GLY B 64 3.36 -1.16 0.64
CA GLY B 64 3.90 -0.48 -0.52
C GLY B 64 2.88 0.31 -1.31
N HIS B 65 1.60 0.09 -1.02
CA HIS B 65 0.54 0.88 -1.61
C HIS B 65 0.43 2.21 -0.88
N LEU B 66 0.33 3.30 -1.64
CA LEU B 66 0.26 4.64 -1.07
C LEU B 66 -1.16 5.17 -0.96
N ALA B 67 -2.16 4.36 -1.30
CA ALA B 67 -3.55 4.78 -1.21
C ALA B 67 -4.42 3.55 -0.93
N LYS B 68 -5.72 3.76 -0.90
CA LYS B 68 -6.64 2.68 -0.59
C LYS B 68 -6.64 1.64 -1.70
N ILE B 69 -6.44 0.37 -1.31
CA ILE B 69 -6.48 -0.73 -2.27
C ILE B 69 -7.93 -1.07 -2.57
N TYR B 70 -8.28 -1.10 -3.85
CA TYR B 70 -9.67 -1.30 -4.23
C TYR B 70 -9.96 -2.70 -4.77
N ALA B 71 -8.96 -3.42 -5.26
CA ALA B 71 -9.20 -4.76 -5.78
C ALA B 71 -7.91 -5.58 -5.72
N MET B 72 -8.09 -6.90 -5.71
CA MET B 72 -6.99 -7.84 -5.84
C MET B 72 -7.49 -9.07 -6.57
N HIS B 73 -6.55 -9.85 -7.10
CA HIS B 73 -6.88 -11.11 -7.76
C HIS B 73 -5.72 -12.07 -7.62
N TRP B 74 -6.02 -13.29 -7.17
CA TRP B 74 -5.02 -14.33 -7.04
C TRP B 74 -4.68 -14.93 -8.41
N GLY B 75 -3.44 -15.39 -8.54
CA GLY B 75 -3.07 -16.15 -9.71
C GLY B 75 -3.46 -17.60 -9.60
N THR B 76 -3.54 -18.28 -10.75
CA THR B 76 -3.90 -19.69 -10.77
C THR B 76 -2.82 -20.56 -10.14
N ASP B 77 -1.60 -20.06 -10.02
CA ASP B 77 -0.54 -20.79 -9.33
C ASP B 77 -0.58 -20.60 -7.82
N SER B 78 -1.52 -19.81 -7.31
CA SER B 78 -1.72 -19.55 -5.89
C SER B 78 -0.53 -18.86 -5.24
N ARG B 79 0.33 -18.23 -6.04
CA ARG B 79 1.50 -17.53 -5.52
C ARG B 79 1.55 -16.07 -5.94
N LEU B 80 1.22 -15.75 -7.18
CA LEU B 80 1.18 -14.37 -7.63
C LEU B 80 -0.13 -13.71 -7.21
N LEU B 81 -0.05 -12.42 -6.87
CA LEU B 81 -1.23 -11.69 -6.43
C LEU B 81 -1.17 -10.27 -6.98
N VAL B 82 -2.13 -9.92 -7.82
CA VAL B 82 -2.21 -8.57 -8.38
C VAL B 82 -3.16 -7.76 -7.53
N SER B 83 -2.84 -6.47 -7.35
CA SER B 83 -3.67 -5.56 -6.57
C SER B 83 -3.62 -4.18 -7.19
N ALA B 84 -4.72 -3.44 -7.05
CA ALA B 84 -4.84 -2.10 -7.62
C ALA B 84 -5.16 -1.09 -6.51
N SER B 85 -4.52 0.08 -6.59
CA SER B 85 -4.75 1.12 -5.60
C SER B 85 -5.15 2.42 -6.29
N GLN B 86 -5.77 3.30 -5.51
CA GLN B 86 -6.22 4.60 -6.02
C GLN B 86 -5.07 5.57 -6.26
N ASP B 87 -3.86 5.23 -5.84
CA ASP B 87 -2.71 6.06 -6.15
C ASP B 87 -2.28 5.95 -7.61
N GLY B 88 -2.88 5.03 -8.36
CA GLY B 88 -2.51 4.80 -9.74
C GLY B 88 -1.54 3.66 -9.97
N LYS B 89 -1.46 2.71 -9.04
CA LYS B 89 -0.47 1.65 -9.10
C LYS B 89 -1.16 0.29 -9.09
N LEU B 90 -0.67 -0.60 -9.96
CA LEU B 90 -1.08 -2.01 -10.00
C LEU B 90 0.15 -2.83 -9.65
N ILE B 91 0.16 -3.39 -8.45
CA ILE B 91 1.33 -4.09 -7.92
C ILE B 91 1.07 -5.59 -7.97
N ILE B 92 2.02 -6.33 -8.53
CA ILE B 92 1.98 -7.79 -8.59
C ILE B 92 3.01 -8.32 -7.61
N TRP B 93 2.52 -9.05 -6.61
CA TRP B 93 3.29 -9.57 -5.48
C TRP B 93 3.59 -11.05 -5.66
N ASP B 94 4.79 -11.44 -5.23
CA ASP B 94 5.10 -12.84 -4.92
C ASP B 94 4.70 -13.05 -3.47
N SER B 95 3.53 -13.65 -3.26
CA SER B 95 2.98 -13.74 -1.91
C SER B 95 3.83 -14.59 -0.98
N TYR B 96 4.54 -15.58 -1.53
CA TYR B 96 5.34 -16.45 -0.68
C TYR B 96 6.47 -15.70 0.00
N THR B 97 7.15 -14.81 -0.73
CA THR B 97 8.28 -14.06 -0.20
C THR B 97 7.98 -12.59 0.01
N THR B 98 6.73 -12.15 -0.18
CA THR B 98 6.33 -10.75 -0.07
C THR B 98 7.18 -9.85 -0.96
N ASN B 99 7.54 -10.33 -2.14
CA ASN B 99 8.34 -9.57 -3.08
C ASN B 99 7.45 -8.97 -4.16
N LYS B 100 7.74 -7.72 -4.53
CA LYS B 100 7.01 -7.04 -5.59
C LYS B 100 7.54 -7.52 -6.93
N VAL B 101 6.84 -8.46 -7.55
CA VAL B 101 7.24 -8.94 -8.87
C VAL B 101 7.12 -7.83 -9.90
N HIS B 102 6.04 -7.05 -9.86
CA HIS B 102 5.83 -6.01 -10.84
C HIS B 102 5.14 -4.80 -10.20
N ALA B 103 5.36 -3.64 -10.81
CA ALA B 103 4.68 -2.41 -10.42
C ALA B 103 4.33 -1.65 -11.70
N ILE B 104 3.05 -1.57 -12.01
CA ILE B 104 2.56 -0.98 -13.25
C ILE B 104 1.94 0.37 -12.93
N PRO B 105 2.47 1.47 -13.45
CA PRO B 105 1.79 2.77 -13.34
C PRO B 105 0.63 2.83 -14.32
N LEU B 106 -0.52 3.30 -13.85
CA LEU B 106 -1.73 3.33 -14.65
C LEU B 106 -2.02 4.75 -15.13
N ARG B 107 -2.57 4.85 -16.34
CA ARG B 107 -2.92 6.16 -16.89
C ARG B 107 -3.96 6.86 -16.02
N SER B 108 -4.95 6.12 -15.54
CA SER B 108 -5.98 6.64 -14.64
C SER B 108 -5.78 6.04 -13.27
N SER B 109 -5.77 6.89 -12.24
CA SER B 109 -5.57 6.46 -10.87
C SER B 109 -6.87 6.07 -10.17
N TRP B 110 -8.00 6.09 -10.87
CA TRP B 110 -9.30 5.82 -10.28
C TRP B 110 -9.77 4.40 -10.53
N VAL B 111 -8.83 3.46 -10.52
CA VAL B 111 -9.16 2.05 -10.76
C VAL B 111 -9.83 1.48 -9.52
N MET B 112 -10.91 0.74 -9.72
CA MET B 112 -11.63 0.07 -8.65
C MET B 112 -11.78 -1.42 -8.89
N THR B 113 -11.11 -1.96 -9.93
CA THR B 113 -11.15 -3.39 -10.20
C THR B 113 -9.84 -3.79 -10.86
N CYS B 114 -9.50 -5.07 -10.70
CA CYS B 114 -8.33 -5.64 -11.35
C CYS B 114 -8.52 -7.14 -11.47
N ALA B 115 -7.94 -7.72 -12.51
CA ALA B 115 -8.06 -9.14 -12.78
C ALA B 115 -6.70 -9.72 -13.16
N TYR B 116 -6.54 -11.01 -12.89
CA TYR B 116 -5.34 -11.76 -13.24
C TYR B 116 -5.73 -12.84 -14.22
N ALA B 117 -5.03 -12.89 -15.36
CA ALA B 117 -5.37 -13.87 -16.39
C ALA B 117 -5.09 -15.28 -15.87
N PRO B 118 -5.90 -16.28 -16.26
CA PRO B 118 -5.63 -17.65 -15.82
C PRO B 118 -4.26 -18.16 -16.25
N SER B 119 -3.79 -17.76 -17.44
CA SER B 119 -2.45 -18.14 -17.87
C SER B 119 -1.39 -17.34 -17.15
N GLY B 120 -1.73 -16.16 -16.65
CA GLY B 120 -0.78 -15.29 -15.98
C GLY B 120 -0.03 -14.35 -16.88
N ASN B 121 -0.24 -14.41 -18.20
CA ASN B 121 0.48 -13.55 -19.13
C ASN B 121 -0.06 -12.13 -19.17
N TYR B 122 -1.27 -11.90 -18.67
CA TYR B 122 -1.90 -10.60 -18.75
C TYR B 122 -2.54 -10.24 -17.41
N VAL B 123 -2.71 -8.93 -17.20
CA VAL B 123 -3.49 -8.41 -16.09
C VAL B 123 -4.46 -7.39 -16.64
N ALA B 124 -5.49 -7.09 -15.84
CA ALA B 124 -6.52 -6.14 -16.25
C ALA B 124 -6.79 -5.15 -15.12
N CYS B 125 -7.26 -3.97 -15.51
CA CYS B 125 -7.65 -2.94 -14.55
C CYS B 125 -8.71 -2.06 -15.18
N GLY B 126 -9.42 -1.32 -14.34
CA GLY B 126 -10.44 -0.40 -14.83
C GLY B 126 -11.06 0.34 -13.67
N GLY B 127 -11.78 1.40 -14.02
CA GLY B 127 -12.40 2.23 -13.01
C GLY B 127 -13.23 3.37 -13.56
N LEU B 128 -13.06 4.57 -12.99
CA LEU B 128 -13.85 5.73 -13.37
C LEU B 128 -13.56 6.21 -14.79
N ASP B 129 -12.49 5.73 -15.41
CA ASP B 129 -12.17 6.11 -16.78
C ASP B 129 -13.02 5.39 -17.81
N ASN B 130 -13.88 4.47 -17.38
CA ASN B 130 -14.77 3.70 -18.25
C ASN B 130 -14.01 2.90 -19.30
N ILE B 131 -12.76 2.56 -19.00
CA ILE B 131 -11.87 1.89 -19.95
C ILE B 131 -11.19 0.73 -19.23
N CYS B 132 -11.19 -0.44 -19.87
CA CYS B 132 -10.52 -1.62 -19.34
C CYS B 132 -9.13 -1.72 -19.98
N SER B 133 -8.10 -1.57 -19.16
CA SER B 133 -6.72 -1.63 -19.63
C SER B 133 -6.16 -3.02 -19.33
N ILE B 134 -5.70 -3.70 -20.37
CA ILE B 134 -5.08 -5.01 -20.24
C ILE B 134 -3.59 -4.85 -20.52
N TYR B 135 -2.78 -5.24 -19.55
CA TYR B 135 -1.32 -5.11 -19.61
C TYR B 135 -0.70 -6.49 -19.80
N ASN B 136 0.28 -6.57 -20.70
CA ASN B 136 0.99 -7.81 -20.98
C ASN B 136 2.18 -7.93 -20.03
N LEU B 137 2.25 -9.05 -19.31
CA LEU B 137 3.32 -9.28 -18.35
C LEU B 137 4.53 -9.99 -18.95
N LYS B 138 4.35 -10.69 -20.06
CA LYS B 138 5.42 -11.49 -20.68
C LYS B 138 6.00 -10.80 -21.90
N THR B 139 6.13 -9.47 -21.87
CA THR B 139 6.71 -8.75 -22.98
C THR B 139 8.20 -9.06 -23.12
N ARG B 140 8.65 -9.11 -24.37
CA ARG B 140 10.07 -9.36 -24.63
C ARG B 140 10.95 -8.20 -24.20
N GLU B 141 10.41 -6.99 -24.14
CA GLU B 141 11.17 -5.84 -23.68
C GLU B 141 11.39 -5.84 -22.17
N GLY B 142 10.70 -6.71 -21.43
CA GLY B 142 10.89 -6.82 -20.01
C GLY B 142 10.16 -5.82 -19.16
N ASN B 143 9.42 -4.89 -19.76
CA ASN B 143 8.61 -3.93 -19.04
C ASN B 143 7.14 -4.20 -19.31
N VAL B 144 6.30 -4.06 -18.29
CA VAL B 144 4.88 -4.34 -18.41
C VAL B 144 4.25 -3.15 -19.14
N ARG B 145 3.88 -3.36 -20.40
CA ARG B 145 3.22 -2.34 -21.21
C ARG B 145 1.77 -2.73 -21.44
N VAL B 146 0.91 -1.72 -21.55
CA VAL B 146 -0.51 -1.95 -21.76
C VAL B 146 -0.72 -2.61 -23.12
N SER B 147 -1.40 -3.77 -23.12
CA SER B 147 -1.58 -4.50 -24.37
C SER B 147 -2.82 -4.02 -25.11
N ARG B 148 -3.92 -3.81 -24.40
CA ARG B 148 -5.15 -3.35 -25.04
C ARG B 148 -5.85 -2.34 -24.15
N GLU B 149 -6.66 -1.50 -24.79
CA GLU B 149 -7.41 -0.42 -24.13
C GLU B 149 -8.86 -0.55 -24.60
N LEU B 150 -9.64 -1.39 -23.93
CA LEU B 150 -11.03 -1.61 -24.30
C LEU B 150 -11.87 -0.41 -23.86
N ALA B 151 -12.62 0.16 -24.81
CA ALA B 151 -13.48 1.30 -24.54
C ALA B 151 -14.84 1.04 -25.18
N GLY B 152 -15.87 1.65 -24.60
CA GLY B 152 -17.23 1.46 -25.06
C GLY B 152 -18.23 1.45 -23.92
N HIS B 153 -17.74 1.21 -22.70
CA HIS B 153 -18.59 1.31 -21.52
C HIS B 153 -18.83 2.76 -21.18
N THR B 154 -20.09 3.11 -20.90
CA THR B 154 -20.46 4.46 -20.52
C THR B 154 -20.51 4.65 -19.01
N GLY B 155 -20.16 3.62 -18.23
CA GLY B 155 -20.13 3.72 -16.80
C GLY B 155 -18.80 3.22 -16.25
N TYR B 156 -18.59 3.49 -14.97
CA TYR B 156 -17.34 3.09 -14.31
C TYR B 156 -17.21 1.58 -14.32
N LEU B 157 -16.01 1.10 -14.64
CA LEU B 157 -15.73 -0.34 -14.64
C LEU B 157 -15.67 -0.83 -13.20
N SER B 158 -16.70 -1.56 -12.77
CA SER B 158 -16.76 -2.01 -11.39
C SER B 158 -16.10 -3.36 -11.18
N CYS B 159 -16.12 -4.23 -12.18
CA CYS B 159 -15.48 -5.54 -12.06
C CYS B 159 -15.07 -6.02 -13.44
N CYS B 160 -14.06 -6.89 -13.47
CA CYS B 160 -13.59 -7.50 -14.69
C CYS B 160 -12.96 -8.84 -14.35
N ARG B 161 -13.27 -9.86 -15.14
CA ARG B 161 -12.75 -11.20 -14.92
C ARG B 161 -12.30 -11.79 -16.24
N PHE B 162 -11.08 -12.33 -16.26
CA PHE B 162 -10.55 -12.92 -17.48
C PHE B 162 -11.21 -14.25 -17.78
N LEU B 163 -11.54 -14.46 -19.05
CA LEU B 163 -12.05 -15.74 -19.55
C LEU B 163 -11.09 -16.14 -20.66
N ASP B 164 -10.02 -16.85 -20.29
CA ASP B 164 -8.90 -17.16 -21.17
C ASP B 164 -8.17 -15.89 -21.59
N ASP B 165 -7.16 -16.03 -22.45
CA ASP B 165 -6.33 -14.89 -22.81
C ASP B 165 -7.00 -13.96 -23.82
N ASN B 166 -7.83 -14.50 -24.71
CA ASN B 166 -8.32 -13.74 -25.85
C ASN B 166 -9.54 -12.88 -25.53
N GLN B 167 -10.34 -13.23 -24.53
CA GLN B 167 -11.56 -12.49 -24.25
C GLN B 167 -11.73 -12.32 -22.74
N ILE B 168 -12.48 -11.30 -22.37
CA ILE B 168 -12.60 -10.91 -20.95
C ILE B 168 -14.02 -10.40 -20.71
N VAL B 169 -14.55 -10.72 -19.53
CA VAL B 169 -15.89 -10.27 -19.12
C VAL B 169 -15.73 -9.12 -18.14
N THR B 170 -16.41 -8.01 -18.42
CA THR B 170 -16.36 -6.82 -17.58
C THR B 170 -17.78 -6.36 -17.26
N SER B 171 -17.91 -5.61 -16.17
CA SER B 171 -19.18 -5.02 -15.78
C SER B 171 -18.97 -3.54 -15.48
N SER B 172 -19.90 -2.70 -15.92
CA SER B 172 -19.72 -1.26 -15.80
C SER B 172 -20.83 -0.66 -14.97
N GLY B 173 -20.69 0.63 -14.67
CA GLY B 173 -21.67 1.39 -13.93
C GLY B 173 -22.85 1.89 -14.74
N ASP B 174 -22.87 1.60 -16.04
CA ASP B 174 -24.01 1.90 -16.89
C ASP B 174 -25.02 0.75 -16.95
N THR B 175 -25.08 -0.06 -15.90
CA THR B 175 -26.05 -1.15 -15.74
C THR B 175 -25.89 -2.23 -16.80
N THR B 176 -24.70 -2.38 -17.37
CA THR B 176 -24.45 -3.39 -18.40
C THR B 176 -23.15 -4.12 -18.15
N CYS B 177 -23.10 -5.36 -18.64
CA CYS B 177 -21.88 -6.13 -18.70
C CYS B 177 -21.50 -6.35 -20.17
N ALA B 178 -20.25 -6.72 -20.40
CA ALA B 178 -19.77 -6.89 -21.77
C ALA B 178 -18.65 -7.92 -21.80
N LEU B 179 -18.78 -8.87 -22.72
CA LEU B 179 -17.70 -9.79 -23.06
C LEU B 179 -16.97 -9.22 -24.26
N TRP B 180 -15.69 -8.89 -24.08
CA TRP B 180 -14.86 -8.25 -25.08
C TRP B 180 -13.87 -9.26 -25.64
N ASP B 181 -13.63 -9.18 -26.94
CA ASP B 181 -12.53 -9.90 -27.59
C ASP B 181 -11.31 -9.00 -27.54
N ILE B 182 -10.29 -9.42 -26.80
CA ILE B 182 -9.13 -8.56 -26.55
C ILE B 182 -8.35 -8.31 -27.82
N GLU B 183 -8.24 -9.32 -28.69
CA GLU B 183 -7.46 -9.17 -29.91
C GLU B 183 -8.04 -8.08 -30.82
N THR B 184 -9.36 -8.04 -30.97
CA THR B 184 -10.01 -7.04 -31.80
C THR B 184 -10.43 -5.80 -31.02
N GLY B 185 -10.59 -5.90 -29.71
CA GLY B 185 -10.98 -4.77 -28.91
C GLY B 185 -12.44 -4.39 -28.97
N GLN B 186 -13.27 -5.20 -29.63
CA GLN B 186 -14.68 -4.92 -29.78
C GLN B 186 -15.50 -5.75 -28.81
N GLN B 187 -16.66 -5.23 -28.43
CA GLN B 187 -17.58 -5.92 -27.52
C GLN B 187 -18.19 -7.10 -28.26
N THR B 188 -17.70 -8.31 -27.96
CA THR B 188 -18.25 -9.51 -28.57
C THR B 188 -19.71 -9.70 -28.17
N THR B 189 -20.03 -9.50 -26.89
CA THR B 189 -21.39 -9.67 -26.41
C THR B 189 -21.69 -8.58 -25.38
N THR B 190 -22.94 -8.10 -25.38
CA THR B 190 -23.40 -7.12 -24.42
C THR B 190 -24.56 -7.70 -23.63
N PHE B 191 -24.45 -7.66 -22.31
CA PHE B 191 -25.48 -8.18 -21.41
C PHE B 191 -26.18 -7.00 -20.75
N THR B 192 -27.46 -6.82 -21.08
CA THR B 192 -28.26 -5.70 -20.60
C THR B 192 -29.55 -6.22 -19.99
N GLY B 193 -30.05 -5.47 -19.01
CA GLY B 193 -31.26 -5.86 -18.31
C GLY B 193 -31.24 -5.49 -16.84
N HIS B 194 -30.05 -5.23 -16.30
CA HIS B 194 -29.95 -4.69 -14.96
C HIS B 194 -30.46 -3.25 -14.94
N THR B 195 -31.28 -2.91 -13.96
CA THR B 195 -31.76 -1.55 -13.79
C THR B 195 -30.88 -0.74 -12.85
N GLY B 196 -29.84 -1.35 -12.27
CA GLY B 196 -28.89 -0.64 -11.44
C GLY B 196 -27.47 -0.96 -11.87
N ASP B 197 -26.54 -0.18 -11.33
CA ASP B 197 -25.14 -0.33 -11.71
C ASP B 197 -24.60 -1.66 -11.21
N VAL B 198 -24.03 -2.44 -12.12
CA VAL B 198 -23.44 -3.73 -11.77
C VAL B 198 -22.14 -3.47 -11.02
N MET B 199 -22.01 -4.08 -9.83
CA MET B 199 -20.89 -3.80 -8.95
C MET B 199 -19.93 -4.97 -8.78
N SER B 200 -20.27 -6.16 -9.25
CA SER B 200 -19.41 -7.31 -9.06
C SER B 200 -19.62 -8.31 -10.17
N LEU B 201 -18.64 -9.18 -10.36
CA LEU B 201 -18.69 -10.24 -11.35
C LEU B 201 -18.11 -11.52 -10.74
N SER B 202 -18.52 -12.65 -11.31
CA SER B 202 -17.98 -13.95 -10.89
C SER B 202 -18.16 -14.90 -12.05
N LEU B 203 -17.05 -15.49 -12.53
CA LEU B 203 -17.11 -16.45 -13.61
C LEU B 203 -17.16 -17.86 -13.05
N ALA B 204 -17.99 -18.70 -13.68
CA ALA B 204 -18.12 -20.08 -13.26
C ALA B 204 -16.83 -20.85 -13.55
N PRO B 205 -16.58 -21.95 -12.85
CA PRO B 205 -15.35 -22.71 -13.09
C PRO B 205 -15.19 -23.18 -14.53
N ASP B 206 -16.27 -23.50 -15.21
CA ASP B 206 -16.21 -23.88 -16.63
C ASP B 206 -16.24 -22.67 -17.55
N THR B 207 -16.39 -21.47 -17.00
CA THR B 207 -16.39 -20.22 -17.77
C THR B 207 -17.44 -20.22 -18.88
N ARG B 208 -18.60 -20.81 -18.61
CA ARG B 208 -19.72 -20.77 -19.54
C ARG B 208 -20.87 -19.91 -19.04
N LEU B 209 -21.00 -19.72 -17.73
CA LEU B 209 -22.01 -18.86 -17.15
C LEU B 209 -21.33 -17.91 -16.17
N PHE B 210 -22.00 -16.79 -15.88
CA PHE B 210 -21.47 -15.87 -14.89
C PHE B 210 -22.60 -15.09 -14.24
N VAL B 211 -22.46 -14.86 -12.94
CA VAL B 211 -23.44 -14.10 -12.17
C VAL B 211 -22.91 -12.69 -11.92
N SER B 212 -23.77 -11.70 -12.11
CA SER B 212 -23.44 -10.31 -11.89
C SER B 212 -24.50 -9.67 -11.01
N GLY B 213 -24.08 -9.07 -9.91
CA GLY B 213 -24.99 -8.38 -9.00
C GLY B 213 -24.91 -6.88 -9.22
N ALA B 214 -26.08 -6.23 -9.19
CA ALA B 214 -26.16 -4.82 -9.50
C ALA B 214 -26.76 -4.05 -8.33
N CYS B 215 -26.86 -2.73 -8.49
CA CYS B 215 -27.43 -1.85 -7.50
C CYS B 215 -28.95 -1.93 -7.43
N ASP B 216 -29.58 -2.68 -8.34
CA ASP B 216 -31.02 -2.91 -8.31
C ASP B 216 -31.44 -3.93 -7.27
N ALA B 217 -30.55 -4.26 -6.32
CA ALA B 217 -30.79 -5.28 -5.30
C ALA B 217 -31.12 -6.62 -5.94
N SER B 218 -30.42 -6.94 -7.03
CA SER B 218 -30.67 -8.17 -7.76
C SER B 218 -29.40 -8.64 -8.44
N ALA B 219 -29.32 -9.95 -8.65
CA ALA B 219 -28.25 -10.57 -9.40
C ALA B 219 -28.82 -11.28 -10.63
N LYS B 220 -27.99 -11.45 -11.65
CA LYS B 220 -28.41 -12.08 -12.88
C LYS B 220 -27.37 -13.10 -13.32
N LEU B 221 -27.83 -14.31 -13.61
CA LEU B 221 -27.00 -15.36 -14.20
C LEU B 221 -27.12 -15.27 -15.72
N TRP B 222 -25.99 -15.01 -16.37
CA TRP B 222 -25.90 -14.80 -17.80
C TRP B 222 -25.10 -15.92 -18.45
N ASP B 223 -25.44 -16.23 -19.70
CA ASP B 223 -24.71 -17.19 -20.50
C ASP B 223 -23.73 -16.45 -21.41
N VAL B 224 -22.45 -16.85 -21.35
CA VAL B 224 -21.43 -16.18 -22.15
C VAL B 224 -21.66 -16.42 -23.63
N ARG B 225 -21.87 -17.68 -24.01
CA ARG B 225 -22.03 -18.02 -25.42
C ARG B 225 -23.34 -17.48 -25.98
N GLU B 226 -24.44 -17.72 -25.27
CA GLU B 226 -25.75 -17.30 -25.77
C GLU B 226 -25.96 -15.79 -25.65
N GLY B 227 -25.46 -15.17 -24.59
CA GLY B 227 -25.66 -13.75 -24.39
C GLY B 227 -26.99 -13.37 -23.79
N MET B 228 -27.80 -14.33 -23.38
CA MET B 228 -29.11 -14.09 -22.81
C MET B 228 -29.08 -14.33 -21.30
N CYS B 229 -29.97 -13.64 -20.60
CA CYS B 229 -30.05 -13.74 -19.14
C CYS B 229 -30.67 -15.09 -18.79
N ARG B 230 -29.84 -16.01 -18.29
CA ARG B 230 -30.35 -17.34 -17.92
C ARG B 230 -31.30 -17.24 -16.74
N GLN B 231 -30.91 -16.54 -15.68
CA GLN B 231 -31.73 -16.50 -14.47
C GLN B 231 -31.60 -15.13 -13.80
N THR B 232 -32.56 -14.83 -12.95
CA THR B 232 -32.56 -13.62 -12.13
C THR B 232 -32.83 -13.99 -10.68
N PHE B 233 -32.04 -13.45 -9.77
CA PHE B 233 -32.14 -13.74 -8.35
C PHE B 233 -32.38 -12.44 -7.58
N THR B 234 -33.35 -12.47 -6.68
CA THR B 234 -33.79 -11.31 -5.93
C THR B 234 -33.96 -11.70 -4.47
N GLY B 235 -33.86 -10.72 -3.57
CA GLY B 235 -33.99 -10.96 -2.16
C GLY B 235 -33.12 -10.06 -1.30
N HIS B 236 -32.10 -9.47 -1.89
CA HIS B 236 -31.32 -8.46 -1.19
C HIS B 236 -32.11 -7.15 -1.09
N GLU B 237 -31.91 -6.44 0.01
CA GLU B 237 -32.65 -5.21 0.28
C GLU B 237 -31.92 -3.96 -0.15
N SER B 238 -30.68 -4.07 -0.64
CA SER B 238 -29.91 -2.89 -1.02
C SER B 238 -28.95 -3.28 -2.14
N ASP B 239 -28.00 -2.39 -2.42
CA ASP B 239 -27.08 -2.57 -3.54
C ASP B 239 -26.16 -3.76 -3.29
N ILE B 240 -26.03 -4.64 -4.27
CA ILE B 240 -25.15 -5.79 -4.18
C ILE B 240 -23.76 -5.37 -4.65
N ASN B 241 -22.77 -5.46 -3.76
CA ASN B 241 -21.41 -5.03 -4.08
C ASN B 241 -20.47 -6.19 -4.34
N ALA B 242 -20.81 -7.41 -3.91
CA ALA B 242 -19.93 -8.56 -4.05
C ALA B 242 -20.73 -9.75 -4.54
N ILE B 243 -20.05 -10.66 -5.24
CA ILE B 243 -20.66 -11.87 -5.76
C ILE B 243 -19.56 -12.89 -5.98
N CYS B 244 -19.90 -14.17 -5.83
CA CYS B 244 -18.92 -15.24 -5.97
C CYS B 244 -19.64 -16.57 -6.15
N PHE B 245 -19.19 -17.35 -7.13
CA PHE B 245 -19.73 -18.69 -7.33
C PHE B 245 -19.29 -19.64 -6.23
N PHE B 246 -20.14 -20.62 -5.96
CA PHE B 246 -19.73 -21.77 -5.16
C PHE B 246 -18.71 -22.59 -5.95
N PRO B 247 -17.79 -23.27 -5.26
CA PRO B 247 -16.82 -24.10 -5.98
C PRO B 247 -17.46 -25.16 -6.87
N ASN B 248 -18.63 -25.67 -6.50
CA ASN B 248 -19.33 -26.61 -7.36
C ASN B 248 -19.82 -25.94 -8.64
N GLY B 249 -20.12 -24.64 -8.58
CA GLY B 249 -20.64 -23.91 -9.72
C GLY B 249 -22.14 -23.91 -9.84
N ASN B 250 -22.85 -24.64 -8.98
CA ASN B 250 -24.31 -24.69 -9.01
C ASN B 250 -24.94 -23.69 -8.04
N ALA B 251 -24.14 -22.86 -7.38
CA ALA B 251 -24.65 -21.90 -6.41
C ALA B 251 -23.70 -20.71 -6.36
N PHE B 252 -24.16 -19.63 -5.77
CA PHE B 252 -23.34 -18.44 -5.62
C PHE B 252 -23.77 -17.67 -4.38
N ALA B 253 -22.91 -16.77 -3.94
CA ALA B 253 -23.14 -15.95 -2.75
C ALA B 253 -22.99 -14.48 -3.11
N THR B 254 -23.85 -13.65 -2.52
CA THR B 254 -23.87 -12.22 -2.77
C THR B 254 -23.75 -11.46 -1.45
N GLY B 255 -22.92 -10.42 -1.46
CA GLY B 255 -22.84 -9.47 -0.37
C GLY B 255 -23.40 -8.13 -0.81
N SER B 256 -24.22 -7.53 0.04
CA SER B 256 -24.95 -6.32 -0.31
C SER B 256 -24.71 -5.24 0.74
N ASP B 257 -25.29 -4.07 0.48
CA ASP B 257 -25.09 -2.93 1.38
C ASP B 257 -25.69 -3.19 2.76
N ASP B 258 -26.86 -3.83 2.81
CA ASP B 258 -27.38 -4.28 4.10
C ASP B 258 -26.51 -5.39 4.64
N ALA B 259 -26.39 -5.45 5.97
CA ALA B 259 -25.45 -6.36 6.60
C ALA B 259 -25.94 -7.80 6.53
N THR B 260 -25.97 -8.37 5.33
CA THR B 260 -26.37 -9.76 5.16
C THR B 260 -25.83 -10.29 3.83
N CYS B 261 -25.26 -11.48 3.87
CA CYS B 261 -24.93 -12.23 2.66
C CYS B 261 -26.05 -13.19 2.34
N ARG B 262 -26.16 -13.55 1.07
CA ARG B 262 -27.20 -14.47 0.63
C ARG B 262 -26.64 -15.50 -0.33
N LEU B 263 -26.86 -16.77 -0.02
CA LEU B 263 -26.46 -17.89 -0.86
C LEU B 263 -27.67 -18.35 -1.67
N PHE B 264 -27.60 -18.17 -2.99
CA PHE B 264 -28.59 -18.63 -3.94
C PHE B 264 -28.09 -19.87 -4.66
N ASP B 265 -29.04 -20.66 -5.18
CA ASP B 265 -28.74 -21.85 -5.96
C ASP B 265 -29.29 -21.67 -7.36
N LEU B 266 -28.45 -21.95 -8.37
CA LEU B 266 -28.88 -21.81 -9.76
C LEU B 266 -29.95 -22.83 -10.12
N ARG B 267 -29.79 -24.08 -9.69
CA ARG B 267 -30.75 -25.13 -10.04
C ARG B 267 -32.12 -24.85 -9.42
N ALA B 268 -32.15 -24.48 -8.15
CA ALA B 268 -33.40 -24.20 -7.47
C ALA B 268 -33.96 -22.80 -7.77
N ASP B 269 -33.13 -21.91 -8.31
CA ASP B 269 -33.53 -20.53 -8.60
C ASP B 269 -34.12 -19.85 -7.36
N GLN B 270 -33.44 -20.06 -6.24
CA GLN B 270 -33.92 -19.55 -4.96
C GLN B 270 -32.72 -19.22 -4.07
N GLU B 271 -32.97 -18.40 -3.06
CA GLU B 271 -31.96 -18.13 -2.04
C GLU B 271 -31.96 -19.27 -1.02
N LEU B 272 -30.83 -19.96 -0.91
CA LEU B 272 -30.73 -21.08 0.01
C LEU B 272 -30.47 -20.62 1.45
N MET B 273 -29.59 -19.64 1.64
CA MET B 273 -29.17 -19.28 2.99
C MET B 273 -29.00 -17.78 3.11
N THR B 274 -29.20 -17.28 4.33
CA THR B 274 -28.93 -15.90 4.69
C THR B 274 -27.95 -15.86 5.85
N TYR B 275 -26.88 -15.08 5.68
CA TYR B 275 -25.83 -14.93 6.68
C TYR B 275 -25.88 -13.51 7.20
N SER B 276 -26.44 -13.34 8.41
CA SER B 276 -26.57 -12.01 8.99
C SER B 276 -26.45 -12.11 10.50
N HIS B 277 -25.99 -11.02 11.11
CA HIS B 277 -25.89 -10.92 12.56
C HIS B 277 -26.43 -9.57 13.00
N ASP B 278 -27.05 -9.54 14.19
CA ASP B 278 -27.58 -8.30 14.71
C ASP B 278 -26.48 -7.31 15.09
N ASN B 279 -25.30 -7.82 15.41
CA ASN B 279 -24.17 -6.96 15.77
C ASN B 279 -23.55 -6.26 14.57
N ILE B 280 -23.91 -6.67 13.35
CA ILE B 280 -23.37 -6.09 12.12
C ILE B 280 -24.43 -5.23 11.47
N ILE B 281 -24.09 -3.98 11.19
CA ILE B 281 -25.01 -3.05 10.54
C ILE B 281 -24.29 -2.35 9.39
N CYS B 282 -23.12 -2.86 9.02
CA CYS B 282 -22.29 -2.26 7.99
C CYS B 282 -22.42 -3.04 6.68
N GLY B 283 -21.96 -2.41 5.60
CA GLY B 283 -22.06 -3.00 4.29
C GLY B 283 -21.04 -4.11 4.07
N ILE B 284 -21.21 -4.80 2.95
CA ILE B 284 -20.34 -5.90 2.55
C ILE B 284 -19.69 -5.52 1.23
N THR B 285 -18.36 -5.56 1.19
CA THR B 285 -17.61 -5.15 0.02
C THR B 285 -17.05 -6.31 -0.79
N SER B 286 -16.85 -7.47 -0.16
CA SER B 286 -16.25 -8.61 -0.85
C SER B 286 -16.83 -9.91 -0.32
N VAL B 287 -16.94 -10.89 -1.21
CA VAL B 287 -17.45 -12.21 -0.88
C VAL B 287 -16.63 -13.25 -1.61
N SER B 288 -16.19 -14.28 -0.90
CA SER B 288 -15.44 -15.36 -1.51
C SER B 288 -15.66 -16.65 -0.73
N PHE B 289 -15.41 -17.76 -1.39
CA PHE B 289 -15.57 -19.09 -0.82
C PHE B 289 -14.20 -19.75 -0.63
N SER B 290 -14.17 -20.75 0.24
CA SER B 290 -12.99 -21.58 0.41
C SER B 290 -12.93 -22.61 -0.73
N LYS B 291 -11.91 -23.47 -0.68
CA LYS B 291 -11.75 -24.47 -1.73
C LYS B 291 -12.92 -25.45 -1.76
N SER B 292 -13.36 -25.90 -0.59
CA SER B 292 -14.48 -26.82 -0.51
C SER B 292 -15.83 -26.13 -0.48
N GLY B 293 -15.87 -24.81 -0.32
CA GLY B 293 -17.11 -24.08 -0.23
C GLY B 293 -17.78 -24.13 1.13
N ARG B 294 -17.16 -24.78 2.12
CA ARG B 294 -17.77 -24.87 3.45
C ARG B 294 -17.76 -23.53 4.16
N LEU B 295 -16.74 -22.71 3.93
CA LEU B 295 -16.59 -21.41 4.59
C LEU B 295 -16.83 -20.29 3.58
N LEU B 296 -17.65 -19.32 3.98
CA LEU B 296 -17.90 -18.13 3.18
C LEU B 296 -17.22 -16.95 3.87
N LEU B 297 -16.28 -16.31 3.17
CA LEU B 297 -15.53 -15.20 3.72
C LEU B 297 -16.06 -13.90 3.12
N ALA B 298 -16.49 -12.98 3.98
CA ALA B 298 -17.07 -11.72 3.55
C ALA B 298 -16.36 -10.56 4.22
N GLY B 299 -15.89 -9.61 3.43
CA GLY B 299 -15.31 -8.39 3.96
C GLY B 299 -16.38 -7.35 4.21
N TYR B 300 -16.31 -6.72 5.38
CA TYR B 300 -17.33 -5.78 5.82
C TYR B 300 -16.75 -4.38 5.93
N ASP B 301 -17.63 -3.41 6.16
CA ASP B 301 -17.22 -2.02 6.35
C ASP B 301 -16.80 -1.72 7.78
N ASP B 302 -16.97 -2.66 8.71
CA ASP B 302 -16.55 -2.48 10.08
C ASP B 302 -15.06 -2.75 10.29
N PHE B 303 -14.29 -2.72 9.20
CA PHE B 303 -12.84 -2.91 9.15
C PHE B 303 -12.47 -4.37 9.41
N ASN B 304 -13.42 -5.29 9.40
CA ASN B 304 -13.18 -6.67 9.76
C ASN B 304 -13.84 -7.59 8.75
N CYS B 305 -13.26 -8.79 8.60
CA CYS B 305 -13.82 -9.83 7.76
C CYS B 305 -14.47 -10.90 8.63
N ASN B 306 -15.53 -11.52 8.09
CA ASN B 306 -16.26 -12.56 8.80
C ASN B 306 -16.26 -13.84 7.97
N VAL B 307 -15.92 -14.96 8.60
CA VAL B 307 -15.96 -16.27 7.99
C VAL B 307 -17.16 -17.00 8.57
N TRP B 308 -18.14 -17.30 7.73
CA TRP B 308 -19.36 -17.98 8.12
C TRP B 308 -19.32 -19.44 7.66
N ASP B 309 -19.97 -20.30 8.42
CA ASP B 309 -20.21 -21.67 7.99
C ASP B 309 -21.30 -21.64 6.93
N ALA B 310 -20.91 -21.78 5.66
CA ALA B 310 -21.85 -21.63 4.57
C ALA B 310 -23.01 -22.62 4.65
N LEU B 311 -22.76 -23.81 5.19
CA LEU B 311 -23.81 -24.80 5.32
C LEU B 311 -24.70 -24.58 6.53
N LYS B 312 -24.22 -23.85 7.55
CA LYS B 312 -24.98 -23.66 8.78
C LYS B 312 -25.24 -22.21 9.12
N ALA B 313 -24.74 -21.26 8.33
CA ALA B 313 -24.97 -19.83 8.53
C ALA B 313 -24.43 -19.32 9.85
N ASP B 314 -23.58 -20.11 10.50
CA ASP B 314 -22.96 -19.69 11.74
C ASP B 314 -21.60 -19.05 11.46
N ARG B 315 -21.35 -17.91 12.10
CA ARG B 315 -20.08 -17.20 11.92
C ARG B 315 -18.95 -18.03 12.52
N ALA B 316 -18.15 -18.66 11.65
CA ALA B 316 -17.07 -19.52 12.11
C ALA B 316 -15.95 -18.72 12.77
N GLY B 317 -15.64 -17.54 12.24
CA GLY B 317 -14.54 -16.77 12.80
C GLY B 317 -14.51 -15.36 12.26
N VAL B 318 -13.54 -14.60 12.76
CA VAL B 318 -13.38 -13.19 12.38
C VAL B 318 -11.92 -12.91 12.08
N LEU B 319 -11.67 -12.13 11.04
CA LEU B 319 -10.35 -11.66 10.66
C LEU B 319 -10.30 -10.16 10.97
N ALA B 320 -9.54 -9.79 12.00
CA ALA B 320 -9.56 -8.43 12.50
C ALA B 320 -8.20 -7.77 12.43
N GLY B 321 -7.51 -7.91 11.30
CA GLY B 321 -6.20 -7.33 11.11
C GLY B 321 -6.16 -6.03 10.35
N HIS B 322 -7.29 -5.58 9.81
CA HIS B 322 -7.33 -4.37 8.99
C HIS B 322 -7.89 -3.20 9.79
N ASP B 323 -7.22 -2.06 9.68
CA ASP B 323 -7.64 -0.85 10.38
C ASP B 323 -8.61 0.01 9.59
N ASN B 324 -8.92 -0.36 8.35
CA ASN B 324 -9.86 0.39 7.52
C ASN B 324 -10.77 -0.60 6.80
N ARG B 325 -11.68 -0.06 5.99
CA ARG B 325 -12.67 -0.88 5.30
C ARG B 325 -11.99 -1.91 4.40
N VAL B 326 -12.41 -3.16 4.53
CA VAL B 326 -11.85 -4.26 3.73
C VAL B 326 -12.54 -4.21 2.36
N SER B 327 -11.89 -3.55 1.40
CA SER B 327 -12.49 -3.35 0.09
C SER B 327 -12.47 -4.62 -0.76
N CYS B 328 -11.40 -5.40 -0.68
CA CYS B 328 -11.21 -6.52 -1.59
C CYS B 328 -10.76 -7.76 -0.83
N LEU B 329 -11.18 -8.92 -1.33
CA LEU B 329 -10.89 -10.20 -0.68
C LEU B 329 -10.82 -11.28 -1.74
N GLY B 330 -9.93 -12.25 -1.53
CA GLY B 330 -9.80 -13.34 -2.46
C GLY B 330 -9.19 -14.56 -1.81
N VAL B 331 -9.44 -15.71 -2.42
CA VAL B 331 -8.94 -17.00 -1.94
C VAL B 331 -8.18 -17.68 -3.07
N THR B 332 -7.04 -18.28 -2.74
CA THR B 332 -6.22 -18.93 -3.74
C THR B 332 -6.96 -20.13 -4.35
N ASP B 333 -6.51 -20.53 -5.55
CA ASP B 333 -7.14 -21.63 -6.25
C ASP B 333 -6.99 -22.95 -5.49
N ASP B 334 -5.90 -23.10 -4.73
CA ASP B 334 -5.72 -24.28 -3.91
C ASP B 334 -6.27 -24.12 -2.49
N GLY B 335 -6.89 -22.97 -2.21
CA GLY B 335 -7.48 -22.75 -0.90
C GLY B 335 -6.49 -22.67 0.24
N MET B 336 -5.22 -22.38 -0.06
CA MET B 336 -4.20 -22.39 0.98
C MET B 336 -4.32 -21.18 1.90
N ALA B 337 -4.56 -20.00 1.32
CA ALA B 337 -4.56 -18.76 2.09
C ALA B 337 -5.61 -17.81 1.53
N VAL B 338 -5.94 -16.79 2.31
CA VAL B 338 -6.90 -15.77 1.93
C VAL B 338 -6.19 -14.41 1.98
N ALA B 339 -6.26 -13.67 0.88
CA ALA B 339 -5.68 -12.35 0.80
C ALA B 339 -6.78 -11.30 0.88
N THR B 340 -6.70 -10.44 1.88
CA THR B 340 -7.65 -9.35 2.08
C THR B 340 -6.90 -8.03 1.95
N GLY B 341 -7.35 -7.17 1.05
CA GLY B 341 -6.82 -5.82 0.89
C GLY B 341 -7.87 -4.82 1.35
N SER B 342 -7.43 -3.85 2.14
CA SER B 342 -8.32 -2.89 2.77
C SER B 342 -7.95 -1.48 2.32
N TRP B 343 -8.70 -0.50 2.85
CA TRP B 343 -8.43 0.91 2.54
C TRP B 343 -7.27 1.47 3.32
N ASP B 344 -6.69 0.72 4.25
CA ASP B 344 -5.53 1.18 4.99
C ASP B 344 -4.23 1.07 4.19
N SER B 345 -4.33 0.75 2.90
CA SER B 345 -3.19 0.60 1.99
C SER B 345 -2.29 -0.56 2.39
N PHE B 346 -2.87 -1.65 2.90
CA PHE B 346 -2.11 -2.84 3.28
C PHE B 346 -2.85 -4.07 2.77
N LEU B 347 -2.09 -5.13 2.47
CA LEU B 347 -2.68 -6.42 2.16
C LEU B 347 -2.29 -7.42 3.24
N LYS B 348 -3.22 -8.31 3.58
CA LYS B 348 -2.95 -9.31 4.61
C LYS B 348 -3.31 -10.69 4.08
N ILE B 349 -2.37 -11.62 4.15
CA ILE B 349 -2.56 -13.00 3.72
C ILE B 349 -2.63 -13.85 4.98
N TRP B 350 -3.76 -14.53 5.15
CA TRP B 350 -4.07 -15.33 6.33
C TRP B 350 -4.09 -16.80 5.95
N ASN B 351 -3.60 -17.64 6.86
CA ASN B 351 -3.61 -19.09 6.66
C ASN B 351 -4.11 -19.80 7.91
N ALA C 7 -41.00 3.48 -27.28
CA ALA C 7 -39.89 3.29 -26.35
C ALA C 7 -40.32 2.48 -25.14
N SER C 8 -41.33 2.99 -24.42
CA SER C 8 -41.84 2.28 -23.25
C SER C 8 -42.46 0.95 -23.64
N ILE C 9 -43.19 0.91 -24.76
CA ILE C 9 -43.81 -0.33 -25.21
C ILE C 9 -42.76 -1.38 -25.53
N ALA C 10 -41.68 -0.97 -26.22
CA ALA C 10 -40.62 -1.91 -26.56
C ALA C 10 -39.93 -2.46 -25.31
N GLN C 11 -39.66 -1.58 -24.34
CA GLN C 11 -39.03 -2.02 -23.09
C GLN C 11 -39.94 -2.98 -22.33
N ALA C 12 -41.24 -2.68 -22.28
CA ALA C 12 -42.18 -3.57 -21.61
C ALA C 12 -42.26 -4.93 -22.31
N ARG C 13 -42.26 -4.93 -23.65
CA ARG C 13 -42.27 -6.19 -24.38
C ARG C 13 -41.00 -6.99 -24.13
N LYS C 14 -39.85 -6.31 -24.10
CA LYS C 14 -38.60 -7.01 -23.82
C LYS C 14 -38.60 -7.60 -22.41
N LEU C 15 -39.10 -6.86 -21.43
CA LEU C 15 -39.18 -7.37 -20.06
C LEU C 15 -40.12 -8.57 -19.98
N VAL C 16 -41.26 -8.49 -20.68
CA VAL C 16 -42.20 -9.61 -20.69
C VAL C 16 -41.56 -10.84 -21.32
N GLU C 17 -40.84 -10.65 -22.43
CA GLU C 17 -40.17 -11.77 -23.07
C GLU C 17 -39.11 -12.38 -22.17
N GLN C 18 -38.34 -11.54 -21.48
CA GLN C 18 -37.33 -12.06 -20.55
C GLN C 18 -37.97 -12.84 -19.42
N LEU C 19 -39.07 -12.32 -18.86
CA LEU C 19 -39.75 -13.04 -17.78
C LEU C 19 -40.32 -14.37 -18.28
N LYS C 20 -40.87 -14.38 -19.49
CA LYS C 20 -41.39 -15.63 -20.05
C LYS C 20 -40.27 -16.63 -20.28
N MET C 21 -39.11 -16.17 -20.76
CA MET C 21 -37.98 -17.07 -20.97
C MET C 21 -37.48 -17.63 -19.65
N GLU C 22 -37.46 -16.80 -18.60
CA GLU C 22 -37.06 -17.29 -17.29
C GLU C 22 -38.13 -18.13 -16.62
N ALA C 23 -39.37 -18.09 -17.11
CA ALA C 23 -40.46 -18.84 -16.48
C ALA C 23 -40.33 -20.32 -16.76
N ASN C 24 -40.06 -20.71 -18.01
CA ASN C 24 -40.02 -22.12 -18.39
C ASN C 24 -38.60 -22.66 -18.25
N ILE C 25 -38.23 -22.90 -16.99
CA ILE C 25 -36.95 -23.51 -16.65
C ILE C 25 -37.20 -24.66 -15.70
N ASP C 26 -36.25 -25.60 -15.66
CA ASP C 26 -36.36 -26.78 -14.82
C ASP C 26 -35.80 -26.44 -13.44
N ARG C 27 -36.66 -26.41 -12.44
CA ARG C 27 -36.28 -26.12 -11.06
C ARG C 27 -36.30 -27.40 -10.24
N ILE C 28 -35.19 -27.70 -9.60
CA ILE C 28 -35.11 -28.85 -8.72
C ILE C 28 -35.51 -28.42 -7.31
N LYS C 29 -35.86 -29.40 -6.49
CA LYS C 29 -36.27 -29.12 -5.12
C LYS C 29 -35.09 -28.58 -4.31
N VAL C 30 -35.42 -27.73 -3.32
CA VAL C 30 -34.39 -27.21 -2.42
C VAL C 30 -33.75 -28.34 -1.62
N SER C 31 -34.55 -29.35 -1.26
CA SER C 31 -34.00 -30.51 -0.56
C SER C 31 -32.96 -31.25 -1.39
N LYS C 32 -32.98 -31.08 -2.72
CA LYS C 32 -32.00 -31.71 -3.58
C LYS C 32 -30.75 -30.83 -3.76
N ALA C 33 -30.94 -29.55 -4.03
CA ALA C 33 -29.81 -28.64 -4.21
C ALA C 33 -29.00 -28.50 -2.92
N ALA C 34 -29.70 -28.37 -1.78
CA ALA C 34 -29.01 -28.28 -0.50
C ALA C 34 -28.25 -29.56 -0.19
N ALA C 35 -28.85 -30.71 -0.48
CA ALA C 35 -28.16 -31.98 -0.27
C ALA C 35 -26.93 -32.09 -1.16
N ASP C 36 -27.04 -31.65 -2.41
CA ASP C 36 -25.88 -31.68 -3.31
C ASP C 36 -24.76 -30.78 -2.82
N LEU C 37 -25.12 -29.58 -2.36
CA LEU C 37 -24.09 -28.67 -1.82
C LEU C 37 -23.44 -29.26 -0.57
N MET C 38 -24.24 -29.87 0.30
CA MET C 38 -23.69 -30.49 1.51
C MET C 38 -22.76 -31.65 1.15
N ALA C 39 -23.15 -32.46 0.17
CA ALA C 39 -22.30 -33.56 -0.28
C ALA C 39 -21.00 -33.05 -0.88
N TYR C 40 -21.07 -31.97 -1.66
CA TYR C 40 -19.86 -31.39 -2.22
C TYR C 40 -18.94 -30.85 -1.12
N CYS C 41 -19.52 -30.21 -0.11
CA CYS C 41 -18.71 -29.70 1.00
C CYS C 41 -18.07 -30.84 1.78
N GLU C 42 -18.81 -31.93 2.01
CA GLU C 42 -18.27 -33.05 2.77
C GLU C 42 -17.18 -33.77 1.98
N ALA C 43 -17.37 -33.91 0.66
CA ALA C 43 -16.41 -34.64 -0.16
C ALA C 43 -15.07 -33.91 -0.22
N HIS C 44 -15.10 -32.58 -0.29
CA HIS C 44 -13.89 -31.78 -0.42
C HIS C 44 -13.43 -31.20 0.91
N ALA C 45 -14.02 -31.64 2.02
CA ALA C 45 -13.63 -31.11 3.33
C ALA C 45 -12.18 -31.44 3.65
N LYS C 46 -11.74 -32.65 3.34
CA LYS C 46 -10.38 -33.07 3.64
C LYS C 46 -9.34 -32.36 2.77
N GLU C 47 -9.77 -31.67 1.71
CA GLU C 47 -8.85 -30.96 0.81
C GLU C 47 -8.98 -29.45 0.94
N ASP C 48 -9.41 -28.97 2.11
CA ASP C 48 -9.58 -27.54 2.34
C ASP C 48 -8.58 -27.07 3.40
N PRO C 49 -7.49 -26.40 3.01
CA PRO C 49 -6.54 -25.91 4.02
C PRO C 49 -7.16 -24.91 5.00
N LEU C 50 -8.13 -24.11 4.57
CA LEU C 50 -8.76 -23.16 5.47
C LEU C 50 -9.65 -23.86 6.49
N LEU C 51 -10.44 -24.83 6.03
CA LEU C 51 -11.32 -25.56 6.95
C LEU C 51 -10.50 -26.39 7.94
N THR C 52 -9.56 -27.18 7.43
CA THR C 52 -8.66 -27.96 8.26
C THR C 52 -7.25 -27.37 8.15
N PRO C 53 -6.72 -26.73 9.19
CA PRO C 53 -5.42 -26.07 9.06
C PRO C 53 -4.32 -27.05 8.69
N VAL C 54 -3.42 -26.60 7.82
CA VAL C 54 -2.32 -27.42 7.31
C VAL C 54 -1.11 -27.21 8.22
N PRO C 55 -0.39 -28.27 8.60
CA PRO C 55 0.82 -28.09 9.41
C PRO C 55 1.86 -27.26 8.68
N ALA C 56 2.71 -26.59 9.47
CA ALA C 56 3.69 -25.67 8.90
C ALA C 56 4.68 -26.36 7.98
N SER C 57 4.82 -27.68 8.08
CA SER C 57 5.71 -28.41 7.17
C SER C 57 5.21 -28.30 5.73
N GLU C 58 3.90 -28.45 5.52
CA GLU C 58 3.31 -28.35 4.19
C GLU C 58 2.68 -26.99 3.92
N ASN C 59 2.81 -26.04 4.84
CA ASN C 59 2.23 -24.71 4.66
C ASN C 59 3.25 -23.81 3.96
N PRO C 60 2.97 -23.31 2.75
CA PRO C 60 3.94 -22.45 2.06
C PRO C 60 3.98 -21.02 2.57
N PHE C 61 3.13 -20.65 3.52
CA PHE C 61 3.09 -19.29 4.05
C PHE C 61 3.65 -19.19 5.46
N ARG C 62 4.46 -20.16 5.87
CA ARG C 62 5.08 -20.13 7.19
C ARG C 62 6.56 -19.77 7.09
N GLN D 179 13.10 20.39 56.91
CA GLN D 179 13.88 20.26 55.68
C GLN D 179 14.39 18.83 55.52
N ASN D 180 15.43 18.49 56.27
CA ASN D 180 15.99 17.15 56.21
C ASN D 180 15.01 16.14 56.78
N LEU D 181 14.99 14.94 56.19
CA LEU D 181 14.16 13.80 56.58
C LEU D 181 12.67 14.06 56.37
N LEU D 182 12.28 15.23 55.89
CA LEU D 182 10.89 15.53 55.57
C LEU D 182 10.68 15.91 54.12
N ILE D 183 11.67 16.51 53.47
CA ILE D 183 11.60 16.80 52.04
C ILE D 183 12.17 15.62 51.28
N THR D 184 13.43 15.30 51.54
CA THR D 184 14.11 14.23 50.80
C THR D 184 13.49 12.87 51.07
N GLN D 185 13.11 12.59 52.31
CA GLN D 185 12.69 11.25 52.72
C GLN D 185 11.19 11.09 52.84
N GLN D 186 10.40 12.17 52.85
CA GLN D 186 8.97 12.06 53.06
C GLN D 186 8.15 12.61 51.90
N ILE D 187 8.46 13.81 51.41
CA ILE D 187 7.66 14.44 50.38
C ILE D 187 8.15 14.05 48.99
N ILE D 188 9.46 14.07 48.78
CA ILE D 188 10.02 13.70 47.48
C ILE D 188 9.63 12.28 47.07
N PRO D 189 9.77 11.25 47.92
CA PRO D 189 9.35 9.90 47.49
C PRO D 189 7.86 9.80 47.19
N VAL D 190 7.01 10.49 47.96
CA VAL D 190 5.57 10.41 47.73
C VAL D 190 5.21 11.05 46.40
N LEU D 191 5.74 12.25 46.13
CA LEU D 191 5.45 12.90 44.86
C LEU D 191 6.02 12.09 43.69
N TYR D 192 7.22 11.51 43.87
CA TYR D 192 7.80 10.71 42.81
C TYR D 192 7.01 9.42 42.57
N CYS D 193 6.46 8.80 43.60
CA CYS D 193 5.68 7.58 43.36
C CYS D 193 4.32 7.91 42.77
N MET D 194 3.77 9.09 43.07
CA MET D 194 2.58 9.53 42.33
C MET D 194 2.90 9.73 40.84
N VAL D 195 4.02 10.40 40.57
CA VAL D 195 4.46 10.59 39.18
C VAL D 195 4.67 9.24 38.51
N PHE D 196 5.22 8.27 39.24
CA PHE D 196 5.45 6.93 38.70
C PHE D 196 4.14 6.22 38.39
N ILE D 197 3.21 6.21 39.35
CA ILE D 197 1.96 5.49 39.17
C ILE D 197 1.15 6.11 38.03
N ALA D 198 1.37 7.39 37.75
CA ALA D 198 0.73 7.97 36.57
C ALA D 198 1.48 7.61 35.28
N GLY D 199 2.77 7.93 35.23
CA GLY D 199 3.53 7.83 34.00
C GLY D 199 3.74 6.40 33.52
N ILE D 200 3.96 5.47 34.44
CA ILE D 200 4.19 4.08 34.05
C ILE D 200 2.98 3.55 33.30
N LEU D 201 1.78 3.73 33.86
CA LEU D 201 0.56 3.27 33.20
C LEU D 201 0.32 4.02 31.90
N LEU D 202 0.49 5.36 31.92
CA LEU D 202 0.22 6.15 30.73
C LEU D 202 1.13 5.75 29.58
N ASN D 203 2.43 5.61 29.86
CA ASN D 203 3.39 5.26 28.82
C ASN D 203 3.31 3.80 28.42
N GLY D 204 2.89 2.91 29.32
CA GLY D 204 2.63 1.54 28.91
C GLY D 204 1.50 1.45 27.91
N VAL D 205 0.40 2.14 28.21
CA VAL D 205 -0.72 2.17 27.26
C VAL D 205 -0.30 2.84 25.96
N SER D 206 0.46 3.94 26.05
CA SER D 206 0.89 4.65 24.85
C SER D 206 1.81 3.78 24.00
N GLY D 207 2.74 3.04 24.61
CA GLY D 207 3.59 2.15 23.85
C GLY D 207 2.83 0.98 23.25
N TRP D 208 1.86 0.44 23.99
CA TRP D 208 1.02 -0.62 23.44
C TRP D 208 0.26 -0.15 22.22
N ILE D 209 -0.23 1.09 22.24
CA ILE D 209 -0.93 1.64 21.09
C ILE D 209 0.06 1.91 19.95
N PHE D 210 1.22 2.48 20.27
CA PHE D 210 2.21 2.82 19.25
C PHE D 210 2.81 1.59 18.57
N PHE D 211 2.78 0.44 19.24
CA PHE D 211 3.22 -0.80 18.60
C PHE D 211 2.41 -1.09 17.34
N TYR D 212 1.15 -0.68 17.32
CA TYR D 212 0.28 -0.87 16.17
C TYR D 212 0.25 0.34 15.24
N VAL D 213 0.87 1.45 15.61
CA VAL D 213 0.89 2.66 14.79
C VAL D 213 1.95 2.50 13.70
N PRO D 214 1.58 2.58 12.42
CA PRO D 214 2.58 2.46 11.36
C PRO D 214 3.56 3.61 11.38
N SER D 215 4.79 3.32 10.95
CA SER D 215 5.85 4.32 10.88
C SER D 215 5.76 5.08 9.54
N SER D 216 4.68 5.86 9.43
CA SER D 216 4.41 6.56 8.18
C SER D 216 5.16 7.88 8.05
N LYS D 217 5.73 8.39 9.14
CA LYS D 217 6.41 9.68 9.08
C LYS D 217 7.38 9.80 10.24
N SER D 218 8.25 10.82 10.16
CA SER D 218 9.25 11.04 11.19
C SER D 218 8.62 11.40 12.53
N PHE D 219 7.47 12.07 12.52
CA PHE D 219 6.79 12.42 13.76
C PHE D 219 6.41 11.16 14.54
N ILE D 220 5.97 10.12 13.84
CA ILE D 220 5.57 8.88 14.51
C ILE D 220 6.76 8.25 15.22
N ILE D 221 7.91 8.15 14.53
CA ILE D 221 9.05 7.51 15.15
C ILE D 221 9.63 8.36 16.28
N TYR D 222 9.57 9.69 16.15
CA TYR D 222 9.99 10.53 17.26
C TYR D 222 9.08 10.33 18.47
N LEU D 223 7.77 10.21 18.25
CA LEU D 223 6.86 9.93 19.35
C LEU D 223 7.13 8.58 19.98
N LYS D 224 7.45 7.58 19.15
CA LYS D 224 7.77 6.26 19.68
C LYS D 224 9.05 6.29 20.52
N ASN D 225 10.07 7.01 20.06
CA ASN D 225 11.28 7.16 20.85
C ASN D 225 10.99 7.88 22.16
N ILE D 226 10.14 8.91 22.11
CA ILE D 226 9.80 9.65 23.33
C ILE D 226 9.06 8.75 24.32
N VAL D 227 8.12 7.94 23.83
CA VAL D 227 7.40 7.06 24.74
C VAL D 227 8.32 5.98 25.31
N ILE D 228 9.29 5.50 24.51
CA ILE D 228 10.26 4.54 25.02
C ILE D 228 11.07 5.16 26.15
N ALA D 229 11.56 6.39 25.94
CA ALA D 229 12.35 7.06 26.96
C ALA D 229 11.52 7.31 28.21
N ASP D 230 10.26 7.72 28.04
CA ASP D 230 9.39 7.96 29.18
C ASP D 230 9.11 6.68 29.95
N PHE D 231 8.92 5.56 29.25
CA PHE D 231 8.70 4.29 29.93
C PHE D 231 9.94 3.85 30.69
N VAL D 232 11.13 4.06 30.13
CA VAL D 232 12.34 3.70 30.86
C VAL D 232 12.52 4.61 32.08
N MET D 233 12.16 5.89 31.96
CA MET D 233 12.18 6.77 33.14
C MET D 233 11.20 6.28 34.21
N SER D 234 10.01 5.85 33.79
CA SER D 234 9.04 5.32 34.74
C SER D 234 9.57 4.07 35.42
N LEU D 235 10.27 3.21 34.66
CA LEU D 235 10.90 2.04 35.27
C LEU D 235 12.02 2.42 36.22
N THR D 236 12.70 3.53 35.95
CA THR D 236 13.76 4.01 36.84
C THR D 236 13.19 4.56 38.15
N PHE D 237 12.01 5.19 38.08
CA PHE D 237 11.43 5.87 39.24
C PHE D 237 11.36 5.03 40.51
N PRO D 238 10.92 3.76 40.49
CA PRO D 238 10.82 3.02 41.76
C PRO D 238 12.15 2.89 42.49
N PHE D 239 13.26 2.77 41.77
CA PHE D 239 14.56 2.73 42.43
C PHE D 239 14.83 4.03 43.19
N LYS D 240 14.52 5.15 42.57
CA LYS D 240 14.71 6.44 43.22
C LYS D 240 13.83 6.54 44.46
N ILE D 241 12.57 6.19 44.33
CA ILE D 241 11.64 6.34 45.45
C ILE D 241 12.02 5.40 46.58
N LEU D 242 12.58 4.24 46.26
CA LEU D 242 13.01 3.31 47.29
C LEU D 242 14.31 3.77 47.95
N GLY D 243 15.16 4.46 47.22
CA GLY D 243 16.40 4.97 47.78
C GLY D 243 16.20 6.21 48.65
N ASP D 244 15.43 7.16 48.15
CA ASP D 244 15.23 8.42 48.87
C ASP D 244 14.42 8.21 50.15
N SER D 245 13.50 7.24 50.14
CA SER D 245 12.66 7.00 51.31
C SER D 245 13.49 6.58 52.51
N GLY D 246 14.65 5.98 52.28
CA GLY D 246 15.51 5.54 53.35
C GLY D 246 15.11 4.23 54.01
N LEU D 247 14.19 3.48 53.40
CA LEU D 247 13.76 2.20 53.94
C LEU D 247 14.43 1.00 53.30
N GLY D 248 15.04 1.18 52.12
CA GLY D 248 15.68 0.09 51.44
C GLY D 248 17.05 -0.20 52.01
N PRO D 249 17.74 -1.17 51.41
CA PRO D 249 19.09 -1.53 51.89
C PRO D 249 20.06 -0.39 51.69
N TRP D 250 21.04 -0.30 52.59
CA TRP D 250 22.03 0.77 52.54
C TRP D 250 22.97 0.64 51.34
N GLN D 251 22.99 -0.49 50.65
CA GLN D 251 23.85 -0.70 49.49
C GLN D 251 23.08 -0.59 48.18
N LEU D 252 21.89 0.02 48.21
CA LEU D 252 21.08 0.18 47.02
C LEU D 252 21.17 1.58 46.42
N ASN D 253 21.54 2.58 47.22
CA ASN D 253 21.73 3.92 46.69
C ASN D 253 22.89 3.98 45.70
N VAL D 254 23.91 3.14 45.91
CA VAL D 254 25.02 3.09 44.97
C VAL D 254 24.54 2.67 43.59
N PHE D 255 23.68 1.65 43.52
CA PHE D 255 23.10 1.25 42.25
C PHE D 255 22.20 2.35 41.69
N VAL D 256 21.48 3.04 42.56
CA VAL D 256 20.56 4.09 42.10
C VAL D 256 21.32 5.20 41.39
N CYS D 257 22.40 5.69 42.00
CA CYS D 257 23.14 6.77 41.38
C CYS D 257 24.04 6.30 40.25
N ARG D 258 24.59 5.10 40.37
CA ARG D 258 25.54 4.61 39.36
C ARG D 258 24.84 4.21 38.07
N VAL D 259 23.66 3.59 38.17
CA VAL D 259 23.00 3.03 37.00
C VAL D 259 21.68 3.71 36.73
N SER D 260 20.76 3.66 37.70
CA SER D 260 19.40 4.12 37.47
C SER D 260 19.36 5.63 37.20
N ALA D 261 20.09 6.42 37.97
CA ALA D 261 20.07 7.87 37.78
C ALA D 261 20.64 8.27 36.42
N VAL D 262 21.73 7.62 36.01
CA VAL D 262 22.33 7.94 34.71
C VAL D 262 21.39 7.55 33.59
N LEU D 263 20.73 6.39 33.70
CA LEU D 263 19.76 5.99 32.69
C LEU D 263 18.58 6.96 32.63
N PHE D 264 18.12 7.42 33.80
CA PHE D 264 17.05 8.41 33.84
C PHE D 264 17.44 9.69 33.15
N TYR D 265 18.68 10.17 33.40
CA TYR D 265 19.15 11.37 32.73
C TYR D 265 19.27 11.17 31.23
N VAL D 266 19.74 9.99 30.81
CA VAL D 266 19.84 9.69 29.39
C VAL D 266 18.46 9.77 28.74
N ASN D 267 17.47 9.15 29.36
CA ASN D 267 16.12 9.18 28.81
C ASN D 267 15.55 10.60 28.80
N MET D 268 15.80 11.36 29.86
CA MET D 268 15.30 12.74 29.90
C MET D 268 15.90 13.57 28.77
N TYR D 269 17.19 13.44 28.54
CA TYR D 269 17.83 14.27 27.53
C TYR D 269 17.53 13.80 26.11
N VAL D 270 17.37 12.49 25.88
CA VAL D 270 16.91 12.05 24.57
C VAL D 270 15.48 12.53 24.34
N SER D 271 14.65 12.55 25.39
CA SER D 271 13.30 13.11 25.24
C SER D 271 13.35 14.58 24.88
N ILE D 272 14.26 15.33 25.50
CA ILE D 272 14.38 16.76 25.21
C ILE D 272 14.82 16.98 23.76
N VAL D 273 15.85 16.25 23.32
CA VAL D 273 16.33 16.45 21.97
C VAL D 273 15.32 15.94 20.94
N PHE D 274 14.51 14.94 21.30
CA PHE D 274 13.46 14.50 20.40
C PHE D 274 12.30 15.49 20.36
N PHE D 275 12.02 16.19 21.45
CA PHE D 275 11.10 17.31 21.40
C PHE D 275 11.62 18.39 20.46
N GLY D 276 12.93 18.67 20.52
CA GLY D 276 13.51 19.61 19.58
C GLY D 276 13.40 19.16 18.14
N LEU D 277 13.64 17.87 17.91
CA LEU D 277 13.52 17.32 16.56
C LEU D 277 12.08 17.39 16.05
N ILE D 278 11.12 17.12 16.94
CA ILE D 278 9.71 17.25 16.56
C ILE D 278 9.38 18.69 16.21
N SER D 279 9.89 19.64 17.00
CA SER D 279 9.67 21.05 16.70
C SER D 279 10.27 21.42 15.35
N PHE D 280 11.47 20.93 15.06
CA PHE D 280 12.10 21.22 13.77
C PHE D 280 11.31 20.61 12.62
N ASP D 281 10.83 19.38 12.79
CA ASP D 281 10.04 18.74 11.74
C ASP D 281 8.75 19.51 11.49
N ARG D 282 8.08 19.94 12.56
CA ARG D 282 6.87 20.73 12.41
C ARG D 282 7.17 22.06 11.73
N TYR D 283 8.28 22.69 12.09
CA TYR D 283 8.68 23.95 11.46
C TYR D 283 8.88 23.75 9.97
N TYR D 284 9.60 22.70 9.58
CA TYR D 284 9.85 22.44 8.16
C TYR D 284 8.56 22.14 7.42
N LYS D 285 7.65 21.38 8.04
CA LYS D 285 6.43 20.97 7.37
C LYS D 285 5.45 22.13 7.22
N ILE D 286 5.39 23.01 8.22
CA ILE D 286 4.40 24.09 8.22
C ILE D 286 4.94 25.31 7.49
N VAL D 287 6.06 25.85 7.95
CA VAL D 287 6.59 27.09 7.38
C VAL D 287 7.04 26.86 5.93
N LYS D 288 7.47 25.65 5.60
CA LYS D 288 7.96 25.30 4.26
C LYS D 288 9.13 26.20 3.88
N PRO D 289 10.29 26.03 4.50
CA PRO D 289 11.44 26.88 4.18
C PRO D 289 12.00 26.56 2.81
N LEU D 290 13.11 27.22 2.50
CA LEU D 290 13.69 27.18 1.15
C LEU D 290 14.95 26.33 1.04
N TRP D 291 15.47 25.84 2.17
CA TRP D 291 16.72 25.08 2.13
C TRP D 291 16.57 23.82 1.26
N THR D 292 17.69 23.25 0.83
CA THR D 292 17.62 22.11 -0.09
C THR D 292 16.93 20.87 0.49
N SER D 293 17.20 20.57 1.75
CA SER D 293 16.61 19.38 2.37
C SER D 293 16.57 19.54 3.87
N PHE D 294 15.60 18.91 4.52
CA PHE D 294 15.46 19.11 5.94
C PHE D 294 16.26 18.14 6.79
N ILE D 295 16.81 18.62 7.89
CA ILE D 295 17.50 17.76 8.85
C ILE D 295 16.39 16.96 9.48
N GLN D 296 16.67 15.78 10.00
CA GLN D 296 15.56 14.97 10.50
C GLN D 296 14.61 14.71 9.37
N SER D 297 15.16 14.48 8.19
CA SER D 297 14.35 14.13 7.06
C SER D 297 13.75 12.80 7.39
N VAL D 298 12.53 12.53 6.95
CA VAL D 298 11.83 11.32 7.35
C VAL D 298 12.58 10.06 6.92
N SER D 299 13.14 10.06 5.73
CA SER D 299 13.83 8.87 5.27
C SER D 299 14.99 8.56 6.20
N TYR D 300 15.72 9.58 6.65
CA TYR D 300 16.87 9.37 7.51
C TYR D 300 16.57 9.63 8.96
N SER D 301 15.29 9.77 9.29
CA SER D 301 14.90 10.10 10.66
C SER D 301 15.19 8.93 11.60
N LYS D 302 15.06 7.70 11.11
CA LYS D 302 15.39 6.54 11.94
C LYS D 302 16.88 6.54 12.28
N LEU D 303 17.73 6.82 11.30
CA LEU D 303 19.16 6.92 11.55
C LEU D 303 19.46 8.07 12.51
N LEU D 304 18.76 9.20 12.35
CA LEU D 304 18.95 10.32 13.28
C LEU D 304 18.60 9.92 14.70
N SER D 305 17.48 9.21 14.88
CA SER D 305 17.07 8.79 16.21
C SER D 305 18.08 7.82 16.82
N VAL D 306 18.57 6.85 16.04
CA VAL D 306 19.51 5.88 16.59
C VAL D 306 20.84 6.54 16.92
N ILE D 307 21.29 7.49 16.08
CA ILE D 307 22.56 8.15 16.40
C ILE D 307 22.42 9.08 17.59
N VAL D 308 21.24 9.69 17.79
CA VAL D 308 21.02 10.49 18.99
C VAL D 308 21.05 9.59 20.24
N TRP D 309 20.38 8.45 20.17
CA TRP D 309 20.41 7.50 21.28
C TRP D 309 21.83 7.08 21.59
N MET D 310 22.60 6.72 20.55
CA MET D 310 23.98 6.29 20.74
C MET D 310 24.85 7.41 21.29
N LEU D 311 24.64 8.64 20.83
CA LEU D 311 25.44 9.77 21.31
C LEU D 311 25.20 10.00 22.79
N MET D 312 23.93 10.04 23.21
CA MET D 312 23.64 10.25 24.63
C MET D 312 24.13 9.08 25.47
N LEU D 313 23.96 7.85 25.00
CA LEU D 313 24.40 6.69 25.76
C LEU D 313 25.92 6.68 25.91
N LEU D 314 26.65 7.01 24.85
CA LEU D 314 28.11 7.08 24.94
C LEU D 314 28.55 8.24 25.82
N LEU D 315 27.80 9.35 25.80
CA LEU D 315 28.16 10.49 26.61
C LEU D 315 28.02 10.19 28.10
N ALA D 316 26.97 9.45 28.47
CA ALA D 316 26.73 9.16 29.87
C ALA D 316 27.22 7.78 30.31
N VAL D 317 27.82 7.00 29.41
CA VAL D 317 28.35 5.69 29.81
C VAL D 317 29.46 5.82 30.83
N PRO D 318 30.44 6.72 30.71
CA PRO D 318 31.45 6.84 31.77
C PRO D 318 30.84 7.18 33.13
N ASN D 319 29.71 7.89 33.16
CA ASN D 319 29.05 8.14 34.44
C ASN D 319 28.65 6.85 35.13
N ILE D 320 28.52 5.75 34.39
CA ILE D 320 28.27 4.44 34.98
C ILE D 320 29.56 3.67 35.17
N ILE D 321 30.50 3.77 34.22
CA ILE D 321 31.68 2.91 34.21
C ILE D 321 32.92 3.61 34.75
N LEU D 322 32.78 4.83 35.29
CA LEU D 322 33.93 5.54 35.84
C LEU D 322 33.71 5.98 37.28
N THR D 323 32.78 5.35 38.00
CA THR D 323 32.69 5.61 39.44
C THR D 323 33.73 4.78 40.19
N ASN D 324 33.56 3.45 40.16
CA ASN D 324 34.57 2.48 40.57
C ASN D 324 35.30 2.83 41.87
N GLN D 325 34.59 3.43 42.83
CA GLN D 325 35.18 3.78 44.11
C GLN D 325 34.36 3.18 45.24
N SER D 326 35.04 2.88 46.34
CA SER D 326 34.40 2.26 47.49
C SER D 326 33.45 3.26 48.17
N VAL D 327 32.56 2.70 48.99
CA VAL D 327 31.59 3.54 49.70
C VAL D 327 32.24 4.21 50.90
N ARG D 328 32.85 3.42 51.78
CA ARG D 328 33.56 3.90 52.97
C ARG D 328 32.62 4.53 54.00
N GLU D 329 31.34 4.64 53.65
CA GLU D 329 30.32 5.13 54.59
C GLU D 329 28.99 4.47 54.18
N VAL D 330 28.65 3.38 54.85
CA VAL D 330 27.46 2.63 54.48
C VAL D 330 26.19 3.39 54.83
N THR D 331 26.19 4.08 55.99
CA THR D 331 24.97 4.74 56.44
C THR D 331 24.67 6.00 55.65
N GLN D 332 25.70 6.66 55.11
CA GLN D 332 25.53 7.89 54.35
C GLN D 332 26.31 7.78 53.05
N ILE D 333 25.61 7.78 51.93
CA ILE D 333 26.21 7.61 50.61
C ILE D 333 26.13 8.94 49.88
N LYS D 334 27.28 9.47 49.49
CA LYS D 334 27.38 10.66 48.65
C LYS D 334 27.93 10.23 47.29
N CYS D 335 27.17 10.48 46.23
CA CYS D 335 27.50 9.95 44.91
C CYS D 335 28.80 10.56 44.39
N ILE D 336 28.97 11.87 44.57
CA ILE D 336 30.18 12.53 44.09
C ILE D 336 31.41 12.07 44.85
N GLU D 337 31.23 11.50 46.05
CA GLU D 337 32.34 11.00 46.83
C GLU D 337 32.78 9.60 46.43
N LEU D 338 31.99 8.89 45.62
CA LEU D 338 32.33 7.56 45.15
C LEU D 338 32.68 7.55 43.66
N LYS D 339 33.06 8.71 43.12
CA LYS D 339 33.55 8.82 41.76
C LYS D 339 35.00 9.24 41.77
N SER D 340 35.79 8.68 40.86
CA SER D 340 37.21 8.99 40.80
C SER D 340 37.43 10.42 40.33
N GLU D 341 38.69 10.86 40.39
CA GLU D 341 39.03 12.21 39.96
C GLU D 341 38.69 12.42 38.50
N LEU D 342 39.10 11.48 37.64
CA LEU D 342 38.64 11.51 36.25
C LEU D 342 37.12 11.33 36.18
N GLY D 343 36.56 10.49 37.05
CA GLY D 343 35.12 10.33 37.08
C GLY D 343 34.40 11.61 37.46
N ARG D 344 34.91 12.32 38.47
CA ARG D 344 34.30 13.58 38.87
C ARG D 344 34.43 14.63 37.76
N LYS D 345 35.60 14.71 37.14
CA LYS D 345 35.80 15.68 36.06
C LYS D 345 34.86 15.39 34.89
N TRP D 346 34.73 14.12 34.51
CA TRP D 346 33.82 13.77 33.43
C TRP D 346 32.37 13.99 33.82
N HIS D 347 32.01 13.75 35.07
CA HIS D 347 30.64 14.03 35.51
C HIS D 347 30.33 15.51 35.38
N LYS D 348 31.26 16.36 35.82
CA LYS D 348 31.04 17.81 35.71
C LYS D 348 30.93 18.23 34.25
N ALA D 349 31.87 17.78 33.41
CA ALA D 349 31.84 18.18 32.00
C ALA D 349 30.59 17.66 31.30
N SER D 350 30.21 16.41 31.56
CA SER D 350 29.03 15.83 30.94
C SER D 350 27.76 16.55 31.37
N ASN D 351 27.63 16.87 32.66
CA ASN D 351 26.47 17.63 33.09
C ASN D 351 26.43 19.01 32.45
N TYR D 352 27.60 19.66 32.34
CA TYR D 352 27.65 20.97 31.69
C TYR D 352 27.18 20.88 30.25
N ILE D 353 27.63 19.85 29.52
CA ILE D 353 27.25 19.78 28.12
C ILE D 353 25.82 19.26 27.93
N PHE D 354 25.29 18.48 28.87
CA PHE D 354 23.85 18.20 28.84
C PHE D 354 23.04 19.47 29.04
N VAL D 355 23.46 20.33 29.96
CA VAL D 355 22.76 21.60 30.16
C VAL D 355 22.86 22.45 28.89
N ALA D 356 24.04 22.48 28.26
CA ALA D 356 24.22 23.26 27.05
C ALA D 356 23.37 22.73 25.90
N ILE D 357 23.34 21.41 25.72
CA ILE D 357 22.54 20.83 24.64
C ILE D 357 21.05 21.07 24.90
N PHE D 358 20.62 20.97 26.17
CA PHE D 358 19.23 21.29 26.47
C PHE D 358 18.93 22.74 26.14
N TRP D 359 19.83 23.66 26.50
CA TRP D 359 19.54 25.07 26.28
C TRP D 359 19.47 25.40 24.80
N ILE D 360 20.37 24.84 23.99
CA ILE D 360 20.32 25.13 22.56
C ILE D 360 19.10 24.46 21.93
N VAL D 361 18.73 23.26 22.39
CA VAL D 361 17.51 22.63 21.90
C VAL D 361 16.28 23.45 22.29
N PHE D 362 16.27 24.01 23.49
CA PHE D 362 15.16 24.84 23.93
C PHE D 362 15.06 26.12 23.13
N LEU D 363 16.20 26.74 22.82
CA LEU D 363 16.18 27.94 21.98
C LEU D 363 15.69 27.63 20.58
N LEU D 364 16.15 26.51 20.00
CA LEU D 364 15.69 26.11 18.69
C LEU D 364 14.20 25.81 18.70
N LEU D 365 13.72 25.13 19.74
CA LEU D 365 12.29 24.85 19.87
C LEU D 365 11.49 26.14 19.98
N ILE D 366 11.99 27.10 20.75
CA ILE D 366 11.27 28.37 20.92
C ILE D 366 11.17 29.10 19.59
N VAL D 367 12.29 29.20 18.87
CA VAL D 367 12.26 29.95 17.61
C VAL D 367 11.43 29.22 16.56
N PHE D 368 11.50 27.88 16.52
CA PHE D 368 10.72 27.12 15.56
C PHE D 368 9.23 27.26 15.83
N TYR D 369 8.82 27.16 17.11
CA TYR D 369 7.40 27.29 17.42
C TYR D 369 6.91 28.72 17.26
N THR D 370 7.76 29.71 17.51
CA THR D 370 7.37 31.08 17.24
C THR D 370 7.14 31.31 15.75
N ALA D 371 8.03 30.76 14.92
CA ALA D 371 7.84 30.87 13.47
C ALA D 371 6.58 30.13 13.02
N ILE D 372 6.33 28.95 13.60
CA ILE D 372 5.11 28.21 13.26
C ILE D 372 3.87 29.01 13.63
N THR D 373 3.86 29.62 14.82
CA THR D 373 2.73 30.42 15.25
C THR D 373 2.55 31.63 14.34
N LYS D 374 3.64 32.29 13.96
CA LYS D 374 3.55 33.42 13.04
C LYS D 374 2.98 33.00 11.69
N LYS D 375 3.41 31.84 11.19
CA LYS D 375 2.86 31.35 9.92
C LYS D 375 1.37 31.02 10.06
N ILE D 376 0.98 30.42 11.18
CA ILE D 376 -0.42 30.04 11.38
C ILE D 376 -1.31 31.27 11.45
N PHE D 377 -0.88 32.28 12.22
CA PHE D 377 -1.68 33.50 12.35
C PHE D 377 -1.70 34.33 11.08
N LYS D 378 -0.78 34.09 10.15
CA LYS D 378 -0.81 34.73 8.83
C LYS D 378 -1.45 33.84 7.77
N SER D 379 -1.95 32.66 8.16
CA SER D 379 -2.48 31.71 7.18
C SER D 379 -3.91 32.06 6.78
N HIS D 380 -4.83 32.06 7.75
CA HIS D 380 -6.24 32.32 7.48
C HIS D 380 -6.50 33.80 7.72
N LEU D 381 -6.74 34.54 6.64
CA LEU D 381 -6.92 35.99 6.73
C LEU D 381 -8.32 36.45 6.36
N LYS D 382 -9.01 35.76 5.46
CA LYS D 382 -10.32 36.19 4.97
C LYS D 382 -11.48 35.43 5.61
N SER D 383 -11.37 34.10 5.68
CA SER D 383 -12.47 33.29 6.17
C SER D 383 -12.62 33.41 7.68
N SER D 384 -13.79 33.00 8.17
CA SER D 384 -14.08 33.03 9.60
C SER D 384 -14.72 31.71 10.04
N ARG D 385 -15.20 31.68 11.29
CA ARG D 385 -15.87 30.50 11.85
C ARG D 385 -14.93 29.32 11.95
N ASN D 386 -14.58 28.72 10.81
CA ASN D 386 -13.63 27.61 10.79
C ASN D 386 -12.19 28.08 10.97
N SER D 387 -11.85 29.24 10.38
CA SER D 387 -10.50 29.77 10.53
C SER D 387 -10.19 30.08 11.98
N THR D 388 -11.14 30.68 12.69
CA THR D 388 -10.93 30.97 14.11
C THR D 388 -10.73 29.69 14.91
N SER D 389 -11.53 28.67 14.64
CA SER D 389 -11.38 27.40 15.36
C SER D 389 -10.02 26.77 15.09
N VAL D 390 -9.59 26.75 13.83
CA VAL D 390 -8.31 26.15 13.48
C VAL D 390 -7.17 26.91 14.15
N LYS D 391 -7.21 28.24 14.06
CA LYS D 391 -6.16 29.06 14.68
C LYS D 391 -6.13 28.86 16.19
N LYS D 392 -7.30 28.84 16.83
CA LYS D 392 -7.35 28.68 18.28
C LYS D 392 -6.79 27.33 18.68
N LYS D 393 -7.18 26.26 17.98
CA LYS D 393 -6.69 24.93 18.34
C LYS D 393 -5.19 24.82 18.15
N SER D 394 -4.68 25.29 17.01
CA SER D 394 -3.24 25.19 16.74
C SER D 394 -2.45 26.02 17.74
N SER D 395 -2.88 27.26 17.99
CA SER D 395 -2.18 28.12 18.93
C SER D 395 -2.22 27.56 20.34
N ARG D 396 -3.36 27.00 20.75
CA ARG D 396 -3.46 26.39 22.07
C ARG D 396 -2.52 25.20 22.20
N ASN D 397 -2.44 24.36 21.16
CA ASN D 397 -1.53 23.23 21.20
C ASN D 397 -0.08 23.68 21.30
N ILE D 398 0.31 24.68 20.49
CA ILE D 398 1.69 25.16 20.50
C ILE D 398 2.01 25.78 21.86
N PHE D 399 1.11 26.61 22.38
CA PHE D 399 1.34 27.27 23.66
C PHE D 399 1.41 26.25 24.79
N SER D 400 0.55 25.23 24.77
CA SER D 400 0.62 24.19 25.78
C SER D 400 1.94 23.45 25.72
N ILE D 401 2.41 23.13 24.51
CA ILE D 401 3.68 22.42 24.36
C ILE D 401 4.81 23.26 24.95
N VAL D 402 4.90 24.53 24.55
CA VAL D 402 6.02 25.36 24.99
C VAL D 402 5.93 25.65 26.49
N PHE D 403 4.71 25.86 27.01
CA PHE D 403 4.53 26.14 28.43
C PHE D 403 4.91 24.92 29.28
N VAL D 404 4.49 23.73 28.86
CA VAL D 404 4.84 22.53 29.61
C VAL D 404 6.35 22.30 29.56
N PHE D 405 6.97 22.47 28.38
CA PHE D 405 8.42 22.33 28.28
C PHE D 405 9.12 23.30 29.21
N PHE D 406 8.69 24.56 29.21
CA PHE D 406 9.28 25.57 30.09
C PHE D 406 9.15 25.16 31.55
N VAL D 407 7.91 25.05 32.04
CA VAL D 407 7.69 24.79 33.46
C VAL D 407 8.19 23.43 33.91
N CYS D 408 8.53 22.54 32.99
CA CYS D 408 9.05 21.23 33.37
C CYS D 408 10.57 21.14 33.29
N PHE D 409 11.22 21.97 32.48
CA PHE D 409 12.66 21.82 32.28
C PHE D 409 13.49 23.04 32.63
N VAL D 410 12.96 24.25 32.44
CA VAL D 410 13.78 25.46 32.64
C VAL D 410 14.30 25.59 34.06
N PRO D 411 13.48 25.44 35.12
CA PRO D 411 14.05 25.56 36.47
C PRO D 411 15.15 24.56 36.76
N TYR D 412 15.01 23.32 36.26
CA TYR D 412 16.04 22.32 36.51
C TYR D 412 17.37 22.72 35.90
N HIS D 413 17.35 23.27 34.70
CA HIS D 413 18.59 23.60 34.01
C HIS D 413 19.06 25.02 34.29
N ILE D 414 18.32 25.80 35.08
CA ILE D 414 18.88 27.00 35.69
C ILE D 414 19.41 26.74 37.09
N ALA D 415 18.99 25.65 37.74
CA ALA D 415 19.50 25.30 39.06
C ALA D 415 20.55 24.18 39.02
N ARG D 416 20.74 23.51 37.89
CA ARG D 416 21.64 22.37 37.84
C ARG D 416 23.10 22.81 37.91
N ILE D 417 23.48 23.83 37.14
CA ILE D 417 24.87 24.26 37.10
C ILE D 417 25.37 24.70 38.48
N PRO D 418 24.65 25.56 39.22
CA PRO D 418 25.10 25.84 40.60
C PRO D 418 25.18 24.59 41.45
N TYR D 419 24.23 23.67 41.31
CA TYR D 419 24.30 22.43 42.09
C TYR D 419 25.46 21.56 41.62
N THR D 420 25.71 21.50 40.31
CA THR D 420 26.80 20.70 39.79
C THR D 420 28.15 21.20 40.33
N LYS D 421 28.35 22.52 40.32
CA LYS D 421 29.57 23.05 40.90
C LYS D 421 29.54 23.04 42.43
N SER D 422 28.37 22.87 43.04
CA SER D 422 28.31 22.71 44.49
C SER D 422 28.77 21.32 44.92
N GLN D 423 28.36 20.28 44.19
CA GLN D 423 28.80 18.92 44.53
C GLN D 423 30.24 18.65 44.14
N THR D 424 30.86 19.54 43.36
CA THR D 424 32.22 19.31 42.86
C THR D 424 33.22 20.34 43.35
N GLU D 425 32.81 21.35 44.10
CA GLU D 425 33.71 22.38 44.61
C GLU D 425 33.42 22.64 46.08
N ALA D 426 34.45 23.10 46.79
CA ALA D 426 34.36 23.36 48.22
C ALA D 426 34.04 24.81 48.55
N HIS D 427 33.81 25.65 47.53
CA HIS D 427 33.51 27.06 47.74
C HIS D 427 32.06 27.31 48.15
N TYR D 428 31.33 26.26 48.53
CA TYR D 428 29.94 26.37 48.92
C TYR D 428 29.76 25.98 50.38
N SER D 429 28.89 26.71 51.08
CA SER D 429 28.59 26.40 52.47
C SER D 429 27.60 25.26 52.57
N CYS D 430 27.49 24.70 53.78
CA CYS D 430 26.60 23.56 53.99
C CYS D 430 25.14 23.94 53.75
N GLN D 431 24.72 25.11 54.23
CA GLN D 431 23.34 25.56 54.00
C GLN D 431 23.07 25.77 52.52
N SER D 432 24.03 26.38 51.81
CA SER D 432 23.87 26.56 50.37
C SER D 432 23.81 25.24 49.65
N LYS D 433 24.65 24.27 50.06
CA LYS D 433 24.62 22.94 49.45
C LYS D 433 23.25 22.29 49.66
N GLU D 434 22.72 22.38 50.88
CA GLU D 434 21.43 21.76 51.16
C GLU D 434 20.30 22.41 50.38
N ILE D 435 20.29 23.74 50.31
CA ILE D 435 19.21 24.43 49.60
C ILE D 435 19.30 24.15 48.10
N LEU D 436 20.52 24.06 47.56
CA LEU D 436 20.68 23.73 46.16
C LEU D 436 20.27 22.29 45.88
N ARG D 437 20.55 21.37 46.81
CA ARG D 437 20.11 19.99 46.65
C ARG D 437 18.58 19.90 46.65
N TYR D 438 17.93 20.63 47.55
CA TYR D 438 16.47 20.65 47.57
C TYR D 438 15.90 21.22 46.28
N MET D 439 16.47 22.33 45.80
CA MET D 439 16.01 22.93 44.56
C MET D 439 16.18 21.97 43.39
N LYS D 440 17.34 21.31 43.31
CA LYS D 440 17.58 20.35 42.24
C LYS D 440 16.61 19.18 42.30
N GLU D 441 16.34 18.69 43.50
CA GLU D 441 15.43 17.58 43.67
C GLU D 441 14.01 17.93 43.24
N PHE D 442 13.55 19.11 43.62
CA PHE D 442 12.19 19.54 43.24
C PHE D 442 12.10 19.79 41.73
N THR D 443 13.12 20.41 41.15
CA THR D 443 13.10 20.67 39.71
C THR D 443 13.17 19.36 38.91
N LEU D 444 13.97 18.40 39.38
CA LEU D 444 13.99 17.09 38.73
C LEU D 444 12.66 16.37 38.93
N LEU D 445 11.97 16.63 40.03
CA LEU D 445 10.62 16.10 40.19
C LEU D 445 9.68 16.68 39.14
N LEU D 446 9.80 17.97 38.84
CA LEU D 446 9.01 18.56 37.76
C LEU D 446 9.36 17.91 36.42
N SER D 447 10.66 17.72 36.16
CA SER D 447 11.07 17.07 34.92
C SER D 447 10.56 15.64 34.84
N ALA D 448 10.43 14.97 35.99
CA ALA D 448 9.90 13.61 36.01
C ALA D 448 8.38 13.60 35.79
N ALA D 449 7.68 14.58 36.35
CA ALA D 449 6.26 14.73 36.07
C ALA D 449 6.01 15.04 34.60
N ASN D 450 6.98 15.62 33.92
CA ASN D 450 6.85 15.78 32.48
C ASN D 450 6.65 14.44 31.78
N VAL D 451 7.13 13.35 32.37
CA VAL D 451 6.94 12.03 31.78
C VAL D 451 5.45 11.70 31.68
N CYS D 452 4.71 11.90 32.77
CA CYS D 452 3.28 11.65 32.74
C CYS D 452 2.51 12.73 31.99
N LEU D 453 3.06 13.95 31.91
CA LEU D 453 2.40 14.99 31.13
C LEU D 453 2.53 14.74 29.62
N ASP D 454 3.62 14.08 29.20
CA ASP D 454 3.87 13.91 27.76
C ASP D 454 2.75 13.22 26.99
N PRO D 455 2.13 12.13 27.46
CA PRO D 455 1.10 11.48 26.64
C PRO D 455 -0.08 12.38 26.29
N ILE D 456 -0.47 13.30 27.17
CA ILE D 456 -1.67 14.11 26.93
C ILE D 456 -1.37 15.37 26.12
N ILE D 457 -0.11 15.61 25.76
CA ILE D 457 0.25 16.82 25.03
C ILE D 457 0.78 16.47 23.65
N TYR D 458 1.41 15.30 23.53
CA TYR D 458 2.03 14.88 22.28
C TYR D 458 1.31 13.72 21.62
N PHE D 459 1.09 12.62 22.35
CA PHE D 459 0.54 11.42 21.73
C PHE D 459 -0.94 11.58 21.42
N PHE D 460 -1.69 12.26 22.28
CA PHE D 460 -3.13 12.41 22.07
C PHE D 460 -3.43 13.21 20.81
N LEU D 461 -2.58 14.20 20.48
CA LEU D 461 -2.80 14.99 19.28
C LEU D 461 -2.44 14.22 18.01
N CYS D 462 -1.70 13.13 18.13
CA CYS D 462 -1.33 12.34 16.96
C CYS D 462 -2.56 11.60 16.43
N GLN D 463 -2.88 11.81 15.15
CA GLN D 463 -4.11 11.24 14.59
C GLN D 463 -4.10 9.72 14.57
N PRO D 464 -3.07 9.03 14.04
CA PRO D 464 -3.10 7.56 14.10
C PRO D 464 -3.14 7.00 15.51
N PHE D 465 -2.41 7.61 16.43
CA PHE D 465 -2.40 7.13 17.82
C PHE D 465 -3.80 7.24 18.43
N ARG D 466 -4.44 8.40 18.25
CA ARG D 466 -5.78 8.60 18.80
C ARG D 466 -6.78 7.68 18.14
N GLU D 467 -6.66 7.47 16.83
CA GLU D 467 -7.59 6.59 16.13
C GLU D 467 -7.45 5.15 16.62
N ILE D 468 -6.22 4.68 16.81
CA ILE D 468 -6.03 3.31 17.28
C ILE D 468 -6.47 3.17 18.74
N LEU D 469 -6.18 4.17 19.56
CA LEU D 469 -6.58 4.10 20.98
C LEU D 469 -8.10 4.11 21.12
N CYS D 470 -8.78 4.95 20.34
CA CYS D 470 -10.23 5.07 20.47
C CYS D 470 -10.99 3.88 19.92
N LYS D 471 -10.35 3.03 19.11
CA LYS D 471 -11.00 1.85 18.58
C LYS D 471 -11.04 0.68 19.55
N LYS D 472 -10.30 0.78 20.66
CA LYS D 472 -10.37 -0.28 21.67
C LYS D 472 -11.74 -0.33 22.34
N LEU D 473 -12.34 0.84 22.60
CA LEU D 473 -13.66 0.90 23.20
C LEU D 473 -14.42 2.12 22.70
N ASP E 39 14.28 -6.26 -32.88
CA ASP E 39 13.70 -5.77 -31.64
C ASP E 39 14.77 -5.63 -30.56
N VAL E 40 14.87 -6.64 -29.70
CA VAL E 40 15.90 -6.63 -28.65
C VAL E 40 17.26 -6.85 -29.28
N GLN E 41 18.22 -5.99 -28.92
CA GLN E 41 19.56 -6.07 -29.48
C GLN E 41 20.57 -5.59 -28.45
N LEU E 42 21.70 -6.30 -28.38
CA LEU E 42 22.83 -5.93 -27.52
C LEU E 42 24.07 -5.95 -28.41
N VAL E 43 24.49 -4.77 -28.88
CA VAL E 43 25.59 -4.65 -29.83
C VAL E 43 26.86 -4.32 -29.05
N GLU E 44 27.89 -5.15 -29.21
CA GLU E 44 29.14 -4.98 -28.49
C GLU E 44 30.18 -4.32 -29.37
N SER E 45 31.12 -3.62 -28.72
CA SER E 45 32.18 -2.91 -29.42
C SER E 45 33.35 -2.74 -28.46
N GLY E 46 34.50 -2.40 -29.03
CA GLY E 46 35.71 -2.16 -28.26
C GLY E 46 36.72 -3.29 -28.24
N GLY E 47 36.50 -4.36 -29.00
CA GLY E 47 37.44 -5.45 -29.07
C GLY E 47 38.61 -5.15 -30.00
N GLY E 48 39.54 -6.10 -30.03
CA GLY E 48 40.71 -5.97 -30.87
C GLY E 48 41.92 -6.56 -30.20
N LEU E 49 43.10 -6.12 -30.63
CA LEU E 49 44.36 -6.60 -30.12
C LEU E 49 44.88 -5.67 -29.03
N VAL E 50 45.21 -6.24 -27.87
CA VAL E 50 45.71 -5.49 -26.73
C VAL E 50 47.03 -6.11 -26.28
N GLN E 51 48.04 -5.28 -26.05
CA GLN E 51 49.30 -5.77 -25.53
C GLN E 51 49.12 -6.23 -24.08
N PRO E 52 49.94 -7.18 -23.62
CA PRO E 52 49.82 -7.64 -22.23
C PRO E 52 50.03 -6.50 -21.24
N GLY E 53 49.24 -6.51 -20.17
CA GLY E 53 49.29 -5.46 -19.18
C GLY E 53 48.53 -4.20 -19.54
N GLY E 54 47.86 -4.17 -20.69
CA GLY E 54 47.13 -3.00 -21.11
C GLY E 54 45.74 -2.92 -20.51
N SER E 55 45.00 -1.91 -20.96
CA SER E 55 43.64 -1.66 -20.49
C SER E 55 42.72 -1.47 -21.69
N ARG E 56 41.51 -2.00 -21.58
CA ARG E 56 40.53 -1.88 -22.66
C ARG E 56 39.13 -1.79 -22.05
N LYS E 57 38.29 -0.97 -22.66
CA LYS E 57 36.92 -0.74 -22.19
C LYS E 57 35.95 -1.26 -23.26
N LEU E 58 35.39 -2.44 -23.00
CA LEU E 58 34.37 -2.99 -23.88
C LEU E 58 33.02 -2.35 -23.58
N SER E 59 32.26 -2.06 -24.63
CA SER E 59 30.97 -1.41 -24.52
C SER E 59 29.88 -2.29 -25.11
N CYS E 60 28.70 -2.23 -24.53
CA CYS E 60 27.53 -2.97 -25.00
C CYS E 60 26.35 -2.01 -25.03
N SER E 61 25.91 -1.63 -26.22
CA SER E 61 24.76 -0.76 -26.40
C SER E 61 23.50 -1.61 -26.50
N ALA E 62 22.49 -1.26 -25.70
CA ALA E 62 21.26 -2.01 -25.62
C ALA E 62 20.14 -1.25 -26.34
N SER E 63 19.28 -1.99 -27.03
CA SER E 63 18.13 -1.40 -27.70
C SER E 63 16.99 -2.39 -27.71
N GLY E 64 15.77 -1.86 -27.83
CA GLY E 64 14.59 -2.69 -27.92
C GLY E 64 14.04 -3.21 -26.60
N PHE E 65 14.65 -2.84 -25.47
CA PHE E 65 14.17 -3.31 -24.18
C PHE E 65 14.59 -2.32 -23.10
N ALA E 66 13.94 -2.42 -21.95
CA ALA E 66 14.19 -1.52 -20.83
C ALA E 66 15.48 -1.95 -20.14
N PHE E 67 16.59 -1.35 -20.58
CA PHE E 67 17.90 -1.72 -20.06
C PHE E 67 18.02 -1.41 -18.56
N SER E 68 17.27 -0.43 -18.07
CA SER E 68 17.40 -0.02 -16.67
C SER E 68 16.98 -1.13 -15.72
N SER E 69 15.91 -1.85 -16.05
CA SER E 69 15.34 -2.85 -15.16
C SER E 69 15.96 -4.24 -15.34
N PHE E 70 16.96 -4.37 -16.20
CA PHE E 70 17.57 -5.66 -16.49
C PHE E 70 18.98 -5.72 -15.92
N GLY E 71 19.28 -6.80 -15.21
CA GLY E 71 20.66 -7.09 -14.84
C GLY E 71 21.47 -7.48 -16.06
N MET E 72 22.77 -7.22 -16.01
CA MET E 72 23.64 -7.44 -17.15
C MET E 72 24.86 -8.24 -16.72
N HIS E 73 25.13 -9.33 -17.44
CA HIS E 73 26.31 -10.15 -17.20
C HIS E 73 27.32 -9.95 -18.31
N TRP E 74 28.59 -10.08 -17.96
CA TRP E 74 29.68 -10.20 -18.93
C TRP E 74 30.18 -11.63 -18.88
N VAL E 75 30.12 -12.32 -20.01
CA VAL E 75 30.47 -13.74 -20.11
C VAL E 75 31.57 -13.89 -21.14
N ARG E 76 32.55 -14.74 -20.84
CA ARG E 76 33.74 -14.93 -21.66
C ARG E 76 33.70 -16.31 -22.32
N GLN E 77 33.83 -16.32 -23.63
CA GLN E 77 33.92 -17.56 -24.41
C GLN E 77 35.35 -17.65 -24.95
N ALA E 78 36.14 -18.54 -24.36
CA ALA E 78 37.49 -18.76 -24.84
C ALA E 78 37.44 -19.44 -26.21
N PRO E 79 38.48 -19.29 -27.03
CA PRO E 79 38.51 -19.97 -28.32
C PRO E 79 38.44 -21.49 -28.22
N GLU E 80 38.64 -22.05 -27.03
CA GLU E 80 38.59 -23.50 -26.84
C GLU E 80 37.59 -23.94 -25.78
N LYS E 81 37.48 -23.22 -24.67
CA LYS E 81 36.68 -23.67 -23.53
C LYS E 81 35.31 -23.01 -23.48
N GLY E 82 35.26 -21.69 -23.34
CA GLY E 82 33.99 -21.00 -23.19
C GLY E 82 33.27 -21.23 -21.88
N LEU E 83 33.97 -21.62 -20.82
CA LEU E 83 33.37 -21.90 -19.53
C LEU E 83 33.37 -20.71 -18.58
N GLU E 84 33.87 -19.56 -19.00
CA GLU E 84 34.15 -18.46 -18.08
C GLU E 84 33.01 -17.44 -18.09
N TRP E 85 32.57 -17.06 -16.89
CA TRP E 85 31.66 -15.95 -16.70
C TRP E 85 32.44 -14.83 -16.02
N VAL E 86 32.48 -13.66 -16.66
CA VAL E 86 33.37 -12.60 -16.21
C VAL E 86 32.79 -11.88 -14.99
N ALA E 87 31.62 -11.27 -15.16
CA ALA E 87 31.11 -10.39 -14.10
C ALA E 87 29.60 -10.24 -14.25
N TYR E 88 29.00 -9.54 -13.29
CA TYR E 88 27.57 -9.30 -13.30
C TYR E 88 27.27 -8.00 -12.54
N ILE E 89 26.34 -7.21 -13.08
CA ILE E 89 25.86 -6.00 -12.43
C ILE E 89 24.34 -6.07 -12.36
N SER E 90 23.80 -5.70 -11.21
CA SER E 90 22.36 -5.75 -11.00
C SER E 90 21.69 -4.49 -11.55
N SER E 91 20.37 -4.51 -11.58
CA SER E 91 19.61 -3.34 -11.99
C SER E 91 19.80 -2.23 -10.96
N GLY E 92 20.23 -1.06 -11.42
CA GLY E 92 20.56 0.02 -10.51
C GLY E 92 21.93 -0.06 -9.90
N SER E 93 22.76 -1.02 -10.32
CA SER E 93 24.13 -1.18 -9.83
C SER E 93 24.17 -1.43 -8.32
N GLY E 94 23.11 -2.00 -7.77
CA GLY E 94 23.08 -2.28 -6.34
C GLY E 94 24.11 -3.31 -5.92
N THR E 95 24.21 -4.41 -6.67
CA THR E 95 25.14 -5.49 -6.40
C THR E 95 25.98 -5.76 -7.63
N ILE E 96 27.30 -5.85 -7.44
CA ILE E 96 28.25 -6.12 -8.52
C ILE E 96 29.11 -7.31 -8.11
N TYR E 97 29.20 -8.30 -8.97
CA TYR E 97 29.96 -9.51 -8.69
C TYR E 97 30.97 -9.76 -9.80
N TYR E 98 32.13 -10.31 -9.42
CA TYR E 98 33.21 -10.60 -10.34
C TYR E 98 33.65 -12.05 -10.17
N ALA E 99 34.24 -12.59 -11.24
CA ALA E 99 34.85 -13.90 -11.16
C ALA E 99 36.15 -13.83 -10.38
N ASP E 100 36.58 -14.98 -9.86
CA ASP E 100 37.81 -15.03 -9.07
C ASP E 100 39.02 -14.65 -9.91
N THR E 101 38.99 -14.95 -11.21
CA THR E 101 40.13 -14.62 -12.07
C THR E 101 40.19 -13.14 -12.38
N VAL E 102 39.05 -12.45 -12.35
CA VAL E 102 38.98 -11.05 -12.76
C VAL E 102 38.67 -10.10 -11.60
N LYS E 103 38.37 -10.62 -10.41
CA LYS E 103 38.08 -9.74 -9.28
C LYS E 103 39.32 -8.93 -8.91
N GLY E 104 39.14 -7.63 -8.73
CA GLY E 104 40.24 -6.73 -8.49
C GLY E 104 40.99 -6.29 -9.73
N ARG E 105 40.69 -6.87 -10.88
CA ARG E 105 41.31 -6.54 -12.15
C ARG E 105 40.35 -5.93 -13.15
N PHE E 106 39.15 -6.49 -13.27
CA PHE E 106 38.12 -5.96 -14.15
C PHE E 106 37.10 -5.16 -13.33
N THR E 107 36.36 -4.30 -14.01
CA THR E 107 35.25 -3.59 -13.39
C THR E 107 34.11 -3.49 -14.39
N ILE E 108 32.88 -3.67 -13.90
CA ILE E 108 31.68 -3.63 -14.72
C ILE E 108 30.78 -2.51 -14.22
N SER E 109 30.29 -1.68 -15.13
CA SER E 109 29.44 -0.56 -14.79
C SER E 109 28.33 -0.46 -15.82
N ARG E 110 27.29 0.30 -15.50
CA ARG E 110 26.17 0.50 -16.41
C ARG E 110 25.77 1.97 -16.40
N ASP E 111 25.20 2.40 -17.52
CA ASP E 111 24.66 3.75 -17.68
C ASP E 111 23.26 3.60 -18.27
N ASP E 112 22.26 3.68 -17.39
CA ASP E 112 20.88 3.53 -17.83
C ASP E 112 20.39 4.61 -18.79
N PRO E 113 20.66 5.92 -18.56
CA PRO E 113 20.13 6.92 -19.50
C PRO E 113 20.55 6.70 -20.95
N LYS E 114 21.79 6.27 -21.17
CA LYS E 114 22.23 5.92 -22.52
C LYS E 114 22.12 4.43 -22.81
N ASN E 115 21.66 3.64 -21.84
CA ASN E 115 21.45 2.20 -22.01
C ASN E 115 22.70 1.49 -22.51
N THR E 116 23.77 1.61 -21.73
CA THR E 116 25.05 1.04 -22.10
C THR E 116 25.67 0.29 -20.94
N LEU E 117 26.41 -0.77 -21.25
CA LEU E 117 27.12 -1.58 -20.27
C LEU E 117 28.61 -1.52 -20.58
N PHE E 118 29.41 -1.14 -19.59
CA PHE E 118 30.84 -0.98 -19.76
C PHE E 118 31.60 -2.02 -18.95
N LEU E 119 32.67 -2.55 -19.54
CA LEU E 119 33.59 -3.46 -18.86
C LEU E 119 35.00 -2.93 -19.07
N GLN E 120 35.60 -2.37 -18.03
CA GLN E 120 36.94 -1.81 -18.09
C GLN E 120 37.92 -2.80 -17.48
N MET E 121 38.94 -3.17 -18.25
CA MET E 121 39.92 -4.16 -17.83
C MET E 121 41.31 -3.54 -17.84
N THR E 122 42.02 -3.69 -16.73
CA THR E 122 43.37 -3.18 -16.58
C THR E 122 44.32 -4.34 -16.31
N SER E 123 45.55 -4.19 -16.81
CA SER E 123 46.59 -5.22 -16.69
C SER E 123 46.10 -6.56 -17.24
N LEU E 124 45.74 -6.54 -18.52
CA LEU E 124 45.21 -7.72 -19.18
C LEU E 124 46.27 -8.79 -19.31
N ARG E 125 45.85 -10.04 -19.19
CA ARG E 125 46.73 -11.20 -19.29
C ARG E 125 46.40 -12.00 -20.54
N SER E 126 47.30 -12.92 -20.90
CA SER E 126 47.10 -13.74 -22.09
C SER E 126 45.89 -14.66 -21.98
N GLU E 127 45.41 -14.93 -20.76
CA GLU E 127 44.24 -15.76 -20.58
C GLU E 127 42.94 -15.04 -20.93
N ASP E 128 42.99 -13.74 -21.16
CA ASP E 128 41.80 -12.96 -21.47
C ASP E 128 41.49 -12.89 -22.96
N THR E 129 42.28 -13.56 -23.80
CA THR E 129 42.03 -13.61 -25.23
C THR E 129 40.81 -14.49 -25.47
N ALA E 130 39.66 -13.86 -25.76
CA ALA E 130 38.40 -14.57 -25.88
C ALA E 130 37.36 -13.62 -26.46
N MET E 131 36.14 -14.12 -26.63
CA MET E 131 35.02 -13.32 -27.08
C MET E 131 34.12 -12.99 -25.89
N TYR E 132 33.78 -11.71 -25.75
CA TYR E 132 32.98 -11.25 -24.62
C TYR E 132 31.55 -10.97 -25.07
N TYR E 133 30.60 -11.44 -24.25
CA TYR E 133 29.18 -11.24 -24.50
C TYR E 133 28.55 -10.50 -23.33
N CYS E 134 27.68 -9.54 -23.64
CA CYS E 134 26.82 -8.93 -22.64
C CYS E 134 25.48 -9.66 -22.67
N VAL E 135 25.08 -10.22 -21.53
CA VAL E 135 23.94 -11.11 -21.43
C VAL E 135 22.87 -10.43 -20.61
N ARG E 136 21.68 -10.31 -21.19
CA ARG E 136 20.51 -9.81 -20.50
C ARG E 136 20.06 -10.82 -19.44
N SER E 137 19.69 -10.34 -18.26
CA SER E 137 19.29 -11.24 -17.17
C SER E 137 18.42 -10.47 -16.19
N ILE E 138 17.11 -10.74 -16.22
CA ILE E 138 16.17 -10.17 -15.26
C ILE E 138 15.90 -11.21 -14.19
N TYR E 139 15.53 -10.75 -12.99
CA TYR E 139 15.34 -11.63 -11.84
C TYR E 139 14.06 -11.27 -11.11
N TYR E 140 13.02 -12.07 -11.33
CA TYR E 140 11.83 -12.08 -10.49
C TYR E 140 11.26 -13.49 -10.54
N TYR E 141 10.13 -13.70 -9.86
CA TYR E 141 9.52 -15.02 -9.87
C TYR E 141 8.92 -15.31 -11.24
N GLY E 142 9.32 -16.43 -11.84
CA GLY E 142 8.88 -16.79 -13.16
C GLY E 142 9.62 -16.12 -14.29
N SER E 143 10.65 -15.32 -13.99
CA SER E 143 11.40 -14.64 -15.04
C SER E 143 12.26 -15.63 -15.82
N SER E 144 12.88 -15.13 -16.88
CA SER E 144 13.73 -15.93 -17.76
C SER E 144 15.09 -15.24 -17.89
N PRO E 145 15.94 -15.38 -16.88
CA PRO E 145 17.27 -14.77 -16.95
C PRO E 145 18.15 -15.49 -17.97
N PHE E 146 19.17 -14.75 -18.43
CA PHE E 146 20.12 -15.24 -19.43
C PHE E 146 19.42 -15.59 -20.75
N ASP E 147 18.29 -14.94 -21.02
CA ASP E 147 17.50 -15.29 -22.20
C ASP E 147 18.15 -14.77 -23.49
N PHE E 148 18.69 -13.56 -23.46
CA PHE E 148 19.25 -12.93 -24.64
C PHE E 148 20.73 -12.64 -24.41
N TRP E 149 21.55 -12.94 -25.41
CA TRP E 149 22.99 -12.72 -25.38
C TRP E 149 23.38 -11.75 -26.48
N GLY E 150 24.42 -10.96 -26.22
CA GLY E 150 24.92 -10.04 -27.22
C GLY E 150 25.74 -10.74 -28.29
N GLN E 151 26.07 -9.98 -29.33
CA GLN E 151 26.84 -10.53 -30.43
C GLN E 151 28.24 -10.95 -29.96
N GLY E 152 28.86 -10.14 -29.12
CA GLY E 152 30.19 -10.45 -28.58
C GLY E 152 31.30 -9.81 -29.39
N THR E 153 32.39 -9.49 -28.71
CA THR E 153 33.56 -8.90 -29.34
C THR E 153 34.80 -9.70 -28.98
N THR E 154 35.67 -9.91 -29.96
CA THR E 154 36.89 -10.67 -29.76
C THR E 154 38.00 -9.74 -29.26
N LEU E 155 38.62 -10.11 -28.15
CA LEU E 155 39.76 -9.39 -27.60
C LEU E 155 40.92 -10.36 -27.48
N THR E 156 42.02 -10.04 -28.15
CA THR E 156 43.20 -10.90 -28.19
C THR E 156 44.36 -10.21 -27.50
N VAL E 157 44.93 -10.88 -26.50
CA VAL E 157 46.08 -10.37 -25.77
C VAL E 157 47.33 -11.08 -26.30
N SER E 158 48.36 -10.29 -26.61
CA SER E 158 49.57 -10.84 -27.19
C SER E 158 50.32 -11.71 -26.18
N SER E 159 51.33 -12.42 -26.67
CA SER E 159 52.13 -13.30 -25.83
C SER E 159 53.20 -12.52 -25.09
N GLY E 173 38.63 -22.68 -6.14
CA GLY E 173 38.50 -24.05 -5.67
C GLY E 173 37.16 -24.34 -5.02
N SER E 174 36.67 -23.37 -4.25
CA SER E 174 35.38 -23.52 -3.58
C SER E 174 34.19 -23.37 -4.51
N ASP E 175 34.41 -22.91 -5.75
CA ASP E 175 33.32 -22.73 -6.69
C ASP E 175 32.78 -24.08 -7.15
N ILE E 176 31.45 -24.17 -7.26
CA ILE E 176 30.81 -25.38 -7.76
C ILE E 176 31.13 -25.55 -9.23
N VAL E 177 31.47 -26.79 -9.62
CA VAL E 177 31.93 -27.10 -10.97
C VAL E 177 30.86 -27.95 -11.65
N MET E 178 30.59 -27.64 -12.92
CA MET E 178 29.66 -28.41 -13.75
C MET E 178 30.45 -29.18 -14.80
N THR E 179 30.15 -30.47 -14.92
CA THR E 179 30.88 -31.36 -15.81
C THR E 179 29.95 -31.92 -16.87
N GLN E 180 30.42 -31.95 -18.11
CA GLN E 180 29.67 -32.53 -19.22
C GLN E 180 30.05 -33.99 -19.40
N ALA E 181 29.04 -34.85 -19.58
CA ALA E 181 29.29 -36.27 -19.72
C ALA E 181 29.94 -36.62 -21.05
N THR E 182 29.84 -35.74 -22.05
CA THR E 182 30.43 -36.01 -23.36
C THR E 182 30.78 -34.69 -24.02
N SER E 183 31.67 -34.76 -25.00
CA SER E 183 32.09 -33.60 -25.78
C SER E 183 31.51 -33.58 -27.18
N SER E 184 31.70 -34.65 -27.95
CA SER E 184 31.19 -34.76 -29.31
C SER E 184 30.22 -35.93 -29.37
N VAL E 185 29.00 -35.66 -29.83
CA VAL E 185 27.97 -36.69 -29.95
C VAL E 185 27.52 -36.79 -31.40
N PRO E 186 27.86 -37.86 -32.12
CA PRO E 186 27.36 -38.02 -33.50
C PRO E 186 25.86 -38.27 -33.49
N VAL E 187 25.12 -37.40 -34.18
CA VAL E 187 23.67 -37.43 -34.17
C VAL E 187 23.15 -37.44 -35.61
N THR E 188 21.89 -37.87 -35.75
CA THR E 188 21.20 -37.91 -37.03
C THR E 188 19.87 -37.17 -36.89
N PRO E 189 19.52 -36.32 -37.86
CA PRO E 189 18.26 -35.59 -37.77
C PRO E 189 17.06 -36.52 -37.70
N GLY E 190 16.06 -36.11 -36.92
CA GLY E 190 14.87 -36.91 -36.73
C GLY E 190 14.90 -37.83 -35.54
N GLU E 191 16.03 -37.92 -34.84
CA GLU E 191 16.16 -38.81 -33.69
C GLU E 191 16.13 -38.00 -32.39
N SER E 192 16.24 -38.70 -31.27
CA SER E 192 16.24 -38.10 -29.94
C SER E 192 17.64 -38.18 -29.36
N VAL E 193 18.14 -37.06 -28.85
CA VAL E 193 19.49 -36.96 -28.32
C VAL E 193 19.41 -36.49 -26.87
N SER E 194 20.15 -37.16 -26.00
CA SER E 194 20.20 -36.81 -24.58
C SER E 194 21.60 -36.31 -24.23
N ILE E 195 21.65 -35.12 -23.62
CA ILE E 195 22.89 -34.51 -23.16
C ILE E 195 22.87 -34.55 -21.64
N SER E 196 23.87 -35.19 -21.04
CA SER E 196 23.93 -35.40 -19.61
C SER E 196 24.99 -34.49 -18.98
N CYS E 197 24.68 -33.94 -17.81
CA CYS E 197 25.61 -33.10 -17.08
C CYS E 197 25.53 -33.45 -15.59
N ARG E 198 26.64 -33.20 -14.90
CA ARG E 198 26.75 -33.49 -13.47
C ARG E 198 27.25 -32.25 -12.74
N SER E 199 26.97 -32.20 -11.44
CA SER E 199 27.33 -31.06 -10.61
C SER E 199 28.04 -31.54 -9.35
N SER E 200 28.95 -30.71 -8.86
CA SER E 200 29.65 -31.02 -7.62
C SER E 200 28.69 -30.97 -6.42
N LYS E 201 27.79 -29.99 -6.39
CA LYS E 201 26.83 -29.83 -5.32
C LYS E 201 25.42 -29.80 -5.90
N SER E 202 24.45 -30.18 -5.09
CA SER E 202 23.06 -30.19 -5.53
C SER E 202 22.59 -28.78 -5.87
N LEU E 203 21.96 -28.65 -7.03
CA LEU E 203 21.43 -27.37 -7.50
C LEU E 203 20.04 -27.08 -6.96
N LEU E 204 19.37 -28.05 -6.35
CA LEU E 204 18.05 -27.82 -5.79
C LEU E 204 18.15 -26.99 -4.52
N HIS E 205 17.31 -25.96 -4.43
CA HIS E 205 17.31 -25.05 -3.29
C HIS E 205 16.15 -25.36 -2.35
N SER E 206 16.17 -24.73 -1.18
CA SER E 206 15.14 -24.96 -0.17
C SER E 206 13.77 -24.46 -0.63
N ASN E 207 13.72 -23.61 -1.65
CA ASN E 207 12.45 -23.10 -2.16
C ASN E 207 11.87 -23.99 -3.27
N GLY E 208 12.50 -25.13 -3.54
CA GLY E 208 12.02 -26.03 -4.57
C GLY E 208 12.47 -25.71 -5.97
N ASN E 209 13.42 -24.79 -6.14
CA ASN E 209 13.90 -24.39 -7.46
C ASN E 209 15.28 -24.99 -7.70
N THR E 210 15.43 -25.64 -8.86
CA THR E 210 16.71 -26.16 -9.31
C THR E 210 17.27 -25.20 -10.35
N TYR E 211 18.37 -24.52 -10.00
CA TYR E 211 18.88 -23.42 -10.82
C TYR E 211 19.89 -23.97 -11.82
N LEU E 212 19.36 -24.59 -12.87
CA LEU E 212 20.16 -25.09 -13.98
C LEU E 212 19.66 -24.49 -15.28
N TYR E 213 20.60 -24.07 -16.13
CA TYR E 213 20.29 -23.40 -17.39
C TYR E 213 20.99 -24.13 -18.53
N TRP E 214 20.23 -24.44 -19.57
CA TRP E 214 20.75 -25.09 -20.78
C TRP E 214 20.73 -24.07 -21.91
N PHE E 215 21.91 -23.81 -22.48
CA PHE E 215 22.09 -22.91 -23.60
C PHE E 215 22.60 -23.67 -24.82
N LEU E 216 22.25 -23.18 -26.00
CA LEU E 216 22.74 -23.72 -27.26
C LEU E 216 23.50 -22.64 -28.01
N GLN E 217 24.72 -22.95 -28.43
CA GLN E 217 25.55 -22.05 -29.21
C GLN E 217 25.75 -22.65 -30.58
N ARG E 218 25.21 -22.00 -31.60
CA ARG E 218 25.39 -22.43 -32.97
C ARG E 218 26.73 -21.96 -33.52
N PRO E 219 27.28 -22.64 -34.53
CA PRO E 219 28.54 -22.18 -35.12
C PRO E 219 28.40 -20.79 -35.71
N GLY E 220 29.18 -19.85 -35.20
CA GLY E 220 29.13 -18.47 -35.64
C GLY E 220 28.04 -17.64 -35.01
N GLN E 221 27.33 -18.17 -34.02
CA GLN E 221 26.25 -17.44 -33.36
C GLN E 221 26.47 -17.45 -31.85
N SER E 222 25.95 -16.41 -31.19
CA SER E 222 26.05 -16.33 -29.75
C SER E 222 25.13 -17.37 -29.10
N PRO E 223 25.46 -17.82 -27.89
CA PRO E 223 24.60 -18.78 -27.21
C PRO E 223 23.22 -18.21 -26.93
N GLN E 224 22.21 -19.09 -27.00
CA GLN E 224 20.84 -18.71 -26.71
C GLN E 224 20.29 -19.62 -25.62
N LEU E 225 19.41 -19.06 -24.79
CA LEU E 225 18.83 -19.82 -23.68
C LEU E 225 17.79 -20.79 -24.21
N LEU E 226 17.98 -22.08 -23.93
CA LEU E 226 16.97 -23.09 -24.23
C LEU E 226 16.10 -23.37 -23.02
N ILE E 227 16.72 -23.73 -21.90
CA ILE E 227 16.01 -24.12 -20.68
C ILE E 227 16.50 -23.26 -19.54
N TYR E 228 15.58 -22.71 -18.76
CA TYR E 228 15.92 -21.97 -17.55
C TYR E 228 15.28 -22.66 -16.35
N ARG E 229 16.06 -22.80 -15.27
CA ARG E 229 15.64 -23.50 -14.05
C ARG E 229 15.31 -24.96 -14.33
N MET E 230 16.00 -25.54 -15.31
CA MET E 230 16.10 -26.99 -15.50
C MET E 230 14.81 -27.61 -16.01
N SER E 231 13.72 -26.85 -16.05
CA SER E 231 12.45 -27.43 -16.48
C SER E 231 11.63 -26.54 -17.40
N ASN E 232 11.96 -25.25 -17.55
CA ASN E 232 11.11 -24.31 -18.24
C ASN E 232 11.68 -23.98 -19.61
N LEU E 233 10.82 -24.03 -20.63
CA LEU E 233 11.23 -23.66 -21.98
C LEU E 233 11.29 -22.14 -22.12
N ALA E 234 12.38 -21.65 -22.71
CA ALA E 234 12.50 -20.22 -22.98
C ALA E 234 11.60 -19.82 -24.15
N SER E 235 11.29 -18.53 -24.22
CA SER E 235 10.45 -18.02 -25.29
C SER E 235 11.14 -18.16 -26.64
N GLY E 236 10.38 -18.63 -27.63
CA GLY E 236 10.91 -18.86 -28.96
C GLY E 236 11.59 -20.20 -29.15
N VAL E 237 11.82 -20.95 -28.08
CA VAL E 237 12.46 -22.27 -28.19
C VAL E 237 11.38 -23.30 -28.51
N PRO E 238 11.56 -24.11 -29.54
CA PRO E 238 10.55 -25.13 -29.85
C PRO E 238 10.45 -26.17 -28.75
N ASP E 239 9.27 -26.77 -28.64
CA ASP E 239 8.98 -27.75 -27.59
C ASP E 239 9.77 -29.04 -27.73
N ARG E 240 10.65 -29.15 -28.73
CA ARG E 240 11.47 -30.35 -28.88
C ARG E 240 12.46 -30.53 -27.73
N PHE E 241 12.77 -29.47 -27.00
CA PHE E 241 13.74 -29.52 -25.91
C PHE E 241 13.01 -29.71 -24.58
N SER E 242 13.52 -30.66 -23.78
CA SER E 242 13.00 -30.88 -22.43
C SER E 242 14.17 -31.03 -21.48
N GLY E 243 13.95 -30.66 -20.23
CA GLY E 243 14.97 -30.75 -19.20
C GLY E 243 14.49 -31.54 -18.00
N SER E 244 15.38 -32.34 -17.43
CA SER E 244 15.06 -33.12 -16.25
C SER E 244 16.31 -33.22 -15.38
N GLY E 245 16.09 -33.53 -14.10
CA GLY E 245 17.21 -33.66 -13.19
C GLY E 245 16.73 -34.10 -11.82
N SER E 246 17.70 -34.42 -10.97
CA SER E 246 17.43 -34.87 -9.60
C SER E 246 18.26 -34.09 -8.59
N GLY E 247 18.74 -32.92 -8.97
CA GLY E 247 19.52 -32.10 -8.07
C GLY E 247 21.00 -32.09 -8.39
N THR E 248 21.54 -33.23 -8.78
CA THR E 248 22.96 -33.36 -9.08
C THR E 248 23.22 -33.72 -10.53
N ALA E 249 22.51 -34.71 -11.07
CA ALA E 249 22.65 -35.11 -12.46
C ALA E 249 21.44 -34.64 -13.26
N PHE E 250 21.69 -34.08 -14.43
CA PHE E 250 20.64 -33.50 -15.25
C PHE E 250 20.77 -33.98 -16.69
N THR E 251 19.64 -34.04 -17.38
CA THR E 251 19.56 -34.50 -18.76
C THR E 251 18.70 -33.54 -19.58
N LEU E 252 19.21 -33.16 -20.75
CA LEU E 252 18.45 -32.39 -21.74
C LEU E 252 18.14 -33.30 -22.91
N THR E 253 16.86 -33.46 -23.20
CA THR E 253 16.39 -34.37 -24.24
C THR E 253 15.85 -33.57 -25.42
N ILE E 254 16.28 -33.96 -26.63
CA ILE E 254 15.83 -33.34 -27.87
C ILE E 254 15.13 -34.41 -28.70
N SER E 255 13.90 -34.12 -29.12
CA SER E 255 13.11 -35.03 -29.92
C SER E 255 12.92 -34.45 -31.32
N ARG E 256 13.05 -35.30 -32.33
CA ARG E 256 12.96 -34.90 -33.74
C ARG E 256 13.98 -33.81 -34.05
N LEU E 257 15.25 -34.17 -33.92
CA LEU E 257 16.34 -33.23 -34.15
C LEU E 257 16.36 -32.75 -35.59
N GLU E 258 16.69 -31.50 -35.78
CA GLU E 258 16.85 -30.88 -37.10
C GLU E 258 18.21 -30.20 -37.19
N ALA E 259 18.46 -29.58 -38.34
CA ALA E 259 19.72 -28.88 -38.56
C ALA E 259 19.78 -27.51 -37.90
N GLU E 260 18.66 -27.03 -37.35
CA GLU E 260 18.61 -25.73 -36.71
C GLU E 260 19.06 -25.75 -35.25
N ASP E 261 19.30 -26.92 -34.68
CA ASP E 261 19.73 -27.04 -33.30
C ASP E 261 21.03 -27.84 -33.20
N VAL E 262 21.92 -27.64 -34.17
CA VAL E 262 23.22 -28.29 -34.18
C VAL E 262 24.26 -27.29 -33.68
N GLY E 263 24.98 -27.67 -32.63
CA GLY E 263 25.97 -26.77 -32.05
C GLY E 263 26.55 -27.34 -30.77
N VAL E 264 26.90 -26.44 -29.86
CA VAL E 264 27.49 -26.81 -28.57
C VAL E 264 26.48 -26.47 -27.48
N TYR E 265 26.21 -27.45 -26.62
CA TYR E 265 25.24 -27.29 -25.54
C TYR E 265 25.96 -27.07 -24.22
N TYR E 266 25.62 -25.99 -23.54
CA TYR E 266 26.27 -25.60 -22.29
C TYR E 266 25.27 -25.68 -21.14
N CYS E 267 25.75 -26.14 -19.98
CA CYS E 267 24.97 -26.14 -18.76
C CYS E 267 25.60 -25.17 -17.78
N MET E 268 24.74 -24.38 -17.10
CA MET E 268 25.19 -23.37 -16.18
C MET E 268 24.39 -23.47 -14.89
N GLN E 269 25.04 -23.18 -13.77
CA GLN E 269 24.38 -23.12 -12.47
C GLN E 269 24.23 -21.66 -12.06
N HIS E 270 23.11 -21.36 -11.40
CA HIS E 270 22.88 -20.03 -10.85
C HIS E 270 22.58 -20.10 -9.35
N LEU E 271 22.83 -21.26 -8.73
CA LEU E 271 22.62 -21.39 -7.29
C LEU E 271 23.57 -20.51 -6.50
N GLU E 272 24.83 -20.44 -6.92
CA GLU E 272 25.85 -19.64 -6.25
C GLU E 272 26.23 -18.45 -7.12
N TYR E 273 26.68 -17.38 -6.47
CA TYR E 273 27.02 -16.16 -7.19
C TYR E 273 28.11 -16.35 -8.24
N PRO E 274 29.21 -17.08 -7.99
CA PRO E 274 30.14 -17.37 -9.09
C PRO E 274 29.54 -18.35 -10.09
N LEU E 275 29.14 -17.84 -11.25
CA LEU E 275 28.44 -18.66 -12.24
C LEU E 275 29.44 -19.46 -13.05
N THR E 276 29.28 -20.78 -13.05
CA THR E 276 30.16 -21.68 -13.79
C THR E 276 29.38 -22.41 -14.87
N PHE E 277 30.02 -22.59 -16.02
CA PHE E 277 29.42 -23.25 -17.16
C PHE E 277 30.01 -24.64 -17.34
N GLY E 278 29.29 -25.46 -18.11
CA GLY E 278 29.78 -26.78 -18.44
C GLY E 278 30.81 -26.75 -19.56
N ALA E 279 31.46 -27.90 -19.77
CA ALA E 279 32.49 -27.99 -20.78
C ALA E 279 31.95 -27.73 -22.19
N GLY E 280 30.70 -28.14 -22.44
CA GLY E 280 30.09 -27.92 -23.73
C GLY E 280 29.98 -29.17 -24.57
N THR E 281 28.77 -29.71 -24.70
CA THR E 281 28.53 -30.90 -25.50
C THR E 281 28.23 -30.48 -26.94
N LYS E 282 29.07 -30.90 -27.87
CA LYS E 282 28.95 -30.52 -29.27
C LYS E 282 28.24 -31.61 -30.05
N LEU E 283 27.31 -31.21 -30.90
CA LEU E 283 26.57 -32.12 -31.77
C LEU E 283 27.09 -32.00 -33.19
N GLU E 284 27.40 -33.13 -33.81
CA GLU E 284 27.94 -33.18 -35.16
C GLU E 284 26.95 -33.86 -36.10
N LEU E 285 26.93 -33.39 -37.35
CA LEU E 285 26.04 -33.91 -38.38
C LEU E 285 24.58 -33.86 -37.95
#